data_8S4M
#
_entry.id   8S4M
#
_cell.length_a   136.899
_cell.length_b   68.848
_cell.length_c   144.124
_cell.angle_alpha   90.000
_cell.angle_beta   93.915
_cell.angle_gamma   90.000
#
_symmetry.space_group_name_H-M   'C 1 2 1'
#
loop_
_entity.id
_entity.type
_entity.pdbx_description
1 polymer 'Steroid C26-monooxygenase'
2 non-polymer 'PROTOPORPHYRIN IX CONTAINING FE'
3 non-polymer 'SULFATE ION'
4 non-polymer ~{N}-(1~{H}-indol-5-ylmethyl)-3-(pyridin-4-ylamino)benzamide
5 water water
#
_entity_poly.entity_id   1
_entity_poly.type   'polypeptide(L)'
_entity_poly.pdbx_seq_one_letter_code
;NGPSPNLPPGFDFTDPAIYAERLPVAEFAELRSAAPIWWNGQDPGKGGGFHDGGFWAITKLNDVKEISRHSDVFSSYENG
VIPRFKNDIAREDIEVQRFVMLNMDAPHHTRLRKIISRGFTPRAVGRLHDELQERAQKIAAEAAAAGSGDFVEQVSCELP
LQAIAGLLGVPQEDRGKLFHWSNEMTGNEDPEYAHIDPKASSAELIGYAMKMAEEKAKNPADDIVTQLIQADIDGEKLSD
DEFGFFVVMLAVAGNETTRNSITQGMMAFAEHPDQWELYKKVRPETAADEIVRWATPVTAFQRTALRDYELSGVQIKKGQ
RVVMFYRSANFDEEVFQDPFTFNILRNPNPHVGFGGTGAHYCIGANLARMTINLIFNAVADHMPDLKPISAPERLRSGWL
NGIKHWQVDYTGRCPVAH
;
_entity_poly.pdbx_strand_id   A,B,C
#
# COMPACT_ATOMS: atom_id res chain seq x y z
N PRO A 3 33.05 33.02 44.43
CA PRO A 3 31.80 33.69 44.82
C PRO A 3 30.63 33.26 43.94
N SER A 4 29.72 32.47 44.50
CA SER A 4 28.58 31.94 43.75
C SER A 4 27.83 33.07 43.06
N PRO A 5 27.21 32.80 41.91
CA PRO A 5 26.47 33.87 41.23
C PRO A 5 25.22 34.24 42.00
N ASN A 6 24.88 35.53 41.98
CA ASN A 6 23.72 36.03 42.70
C ASN A 6 22.46 35.66 41.92
N LEU A 7 21.97 34.45 42.16
CA LEU A 7 20.75 33.95 41.57
C LEU A 7 19.85 33.42 42.67
N PRO A 8 18.54 33.39 42.45
CA PRO A 8 17.63 32.82 43.45
C PRO A 8 17.95 31.34 43.67
N PRO A 9 17.90 30.87 44.91
CA PRO A 9 17.99 29.42 45.16
C PRO A 9 17.09 28.63 44.22
N GLY A 10 17.66 27.60 43.61
CA GLY A 10 16.92 26.72 42.73
C GLY A 10 16.67 27.25 41.34
N PHE A 11 17.21 28.42 41.00
CA PHE A 11 16.96 29.01 39.69
C PHE A 11 17.34 28.04 38.57
N ASP A 12 16.44 27.85 37.63
CA ASP A 12 16.66 27.00 36.47
C ASP A 12 16.48 27.83 35.21
N PHE A 13 17.55 27.94 34.42
CA PHE A 13 17.51 28.79 33.23
C PHE A 13 16.66 28.20 32.11
N THR A 14 16.19 26.96 32.26
CA THR A 14 15.27 26.36 31.32
C THR A 14 13.83 26.36 31.85
N ASP A 15 13.57 27.08 32.93
CA ASP A 15 12.24 27.08 33.52
C ASP A 15 11.23 27.78 32.61
N PRO A 16 10.24 27.08 32.07
CA PRO A 16 9.27 27.77 31.20
C PRO A 16 8.54 28.91 31.89
N ALA A 17 8.35 28.82 33.22
CA ALA A 17 7.60 29.85 33.92
C ALA A 17 8.33 31.18 33.91
N ILE A 18 9.65 31.18 33.78
CA ILE A 18 10.38 32.43 33.60
C ILE A 18 10.01 33.06 32.26
N TYR A 19 10.13 32.28 31.19
CA TYR A 19 10.01 32.82 29.83
C TYR A 19 8.57 33.20 29.49
N ALA A 20 7.59 32.62 30.17
CA ALA A 20 6.22 33.08 30.02
C ALA A 20 6.06 34.53 30.47
N GLU A 21 7.01 35.04 31.27
CA GLU A 21 6.93 36.39 31.80
C GLU A 21 8.01 37.32 31.25
N ARG A 22 9.21 36.82 30.99
CA ARG A 22 10.35 37.70 30.73
C ARG A 22 11.52 36.87 30.23
N LEU A 23 12.49 37.55 29.63
CA LEU A 23 13.78 36.95 29.38
C LEU A 23 14.70 37.19 30.57
N PRO A 24 15.34 36.14 31.11
CA PRO A 24 16.18 36.34 32.32
C PRO A 24 17.51 37.00 31.98
N VAL A 25 17.44 38.27 31.58
CA VAL A 25 18.59 38.96 31.01
C VAL A 25 19.64 39.24 32.08
N ALA A 26 19.21 39.78 33.22
CA ALA A 26 20.16 40.08 34.28
C ALA A 26 20.77 38.81 34.85
N GLU A 27 19.99 37.73 34.91
CA GLU A 27 20.52 36.46 35.41
C GLU A 27 21.59 35.92 34.48
N PHE A 28 21.39 36.02 33.17
CA PHE A 28 22.41 35.59 32.22
C PHE A 28 23.68 36.44 32.39
N ALA A 29 23.52 37.75 32.57
CA ALA A 29 24.67 38.62 32.73
C ALA A 29 25.41 38.32 34.03
N GLU A 30 24.69 37.90 35.06
CA GLU A 30 25.34 37.52 36.31
C GLU A 30 26.27 36.32 36.11
N LEU A 31 25.84 35.33 35.33
CA LEU A 31 26.70 34.19 35.05
C LEU A 31 27.89 34.58 34.21
N ARG A 32 27.68 35.40 33.17
CA ARG A 32 28.79 35.80 32.32
C ARG A 32 29.90 36.44 33.15
N SER A 33 29.54 37.19 34.19
CA SER A 33 30.52 37.89 35.01
C SER A 33 31.07 37.02 36.12
N ALA A 34 30.21 36.28 36.84
CA ALA A 34 30.62 35.60 38.06
C ALA A 34 30.81 34.09 37.89
N ALA A 35 30.25 33.49 36.87
CA ALA A 35 30.38 32.04 36.68
C ALA A 35 29.99 31.66 35.26
N PRO A 36 30.84 31.97 34.27
CA PRO A 36 30.42 31.83 32.87
C PRO A 36 30.05 30.41 32.48
N ILE A 37 30.57 29.39 33.17
CA ILE A 37 30.11 28.01 33.04
C ILE A 37 29.66 27.57 34.42
N TRP A 38 28.36 27.32 34.58
CA TRP A 38 27.74 27.17 35.88
C TRP A 38 26.84 25.95 35.88
N TRP A 39 27.00 25.10 36.89
CA TRP A 39 26.15 23.93 37.00
C TRP A 39 24.75 24.35 37.42
N ASN A 40 23.78 24.06 36.56
CA ASN A 40 22.37 24.35 36.83
C ASN A 40 21.75 23.09 37.42
N GLY A 41 21.64 23.04 38.74
CA GLY A 41 21.03 21.90 39.38
C GLY A 41 19.53 21.84 39.12
N GLN A 42 19.01 20.62 39.07
CA GLN A 42 17.60 20.38 38.80
C GLN A 42 17.09 19.35 39.79
N ASP A 43 16.06 19.70 40.55
CA ASP A 43 15.50 18.80 41.55
C ASP A 43 14.84 17.60 40.88
N PRO A 44 14.62 16.52 41.63
CA PRO A 44 14.05 15.31 41.01
C PRO A 44 12.71 15.61 40.34
N GLY A 45 12.56 15.10 39.12
CA GLY A 45 11.34 15.28 38.37
C GLY A 45 11.09 16.68 37.85
N LYS A 46 12.04 17.61 38.01
CA LYS A 46 11.89 18.98 37.51
C LYS A 46 12.90 19.29 36.40
N GLY A 47 13.33 18.28 35.66
CA GLY A 47 14.35 18.48 34.65
C GLY A 47 13.84 18.54 33.23
N GLY A 48 12.54 18.81 33.06
CA GLY A 48 11.98 18.94 31.73
C GLY A 48 12.19 17.72 30.86
N GLY A 49 12.12 16.53 31.45
CA GLY A 49 12.31 15.29 30.72
C GLY A 49 13.66 14.66 30.87
N PHE A 50 14.58 15.32 31.56
CA PHE A 50 15.94 14.80 31.78
C PHE A 50 16.15 14.62 33.27
N HIS A 51 16.61 13.44 33.65
CA HIS A 51 16.65 13.03 35.05
C HIS A 51 18.08 12.72 35.48
N ASP A 52 18.98 13.67 35.21
CA ASP A 52 20.41 13.46 35.45
C ASP A 52 20.99 14.45 36.46
N GLY A 53 20.15 15.23 37.13
CA GLY A 53 20.60 16.08 38.21
C GLY A 53 20.81 17.54 37.83
N GLY A 54 20.99 17.84 36.55
CA GLY A 54 21.20 19.19 36.11
C GLY A 54 22.01 19.22 34.83
N PHE A 55 22.59 20.38 34.55
CA PHE A 55 23.34 20.59 33.32
C PHE A 55 24.29 21.75 33.53
N TRP A 56 25.25 21.86 32.62
CA TRP A 56 26.18 22.98 32.61
C TRP A 56 25.57 24.12 31.78
N ALA A 57 25.39 25.28 32.41
CA ALA A 57 24.93 26.47 31.71
C ALA A 57 26.11 27.12 30.99
N ILE A 58 25.99 27.26 29.68
CA ILE A 58 27.04 27.82 28.84
C ILE A 58 26.56 29.21 28.41
N THR A 59 27.25 30.25 28.88
CA THR A 59 26.78 31.62 28.72
C THR A 59 27.69 32.50 27.87
N LYS A 60 28.89 32.05 27.52
CA LYS A 60 29.82 32.85 26.74
C LYS A 60 29.82 32.38 25.29
N LEU A 61 29.93 33.34 24.37
CA LEU A 61 29.82 33.00 22.94
C LEU A 61 30.94 32.08 22.50
N ASN A 62 32.16 32.32 22.97
CA ASN A 62 33.26 31.48 22.50
C ASN A 62 33.17 30.06 23.04
N ASP A 63 32.55 29.87 24.21
CA ASP A 63 32.27 28.52 24.67
C ASP A 63 31.18 27.87 23.81
N VAL A 64 30.15 28.65 23.47
CA VAL A 64 29.11 28.12 22.59
C VAL A 64 29.71 27.67 21.26
N LYS A 65 30.63 28.48 20.71
CA LYS A 65 31.26 28.09 19.45
C LYS A 65 32.13 26.87 19.63
N GLU A 66 32.89 26.80 20.73
CA GLU A 66 33.78 25.65 20.94
C GLU A 66 32.97 24.35 21.03
N ILE A 67 31.87 24.38 21.79
CA ILE A 67 31.02 23.19 21.87
C ILE A 67 30.50 22.83 20.49
N SER A 68 30.02 23.83 19.73
CA SER A 68 29.41 23.54 18.44
C SER A 68 30.41 23.00 17.43
N ARG A 69 31.68 23.45 17.50
CA ARG A 69 32.70 22.94 16.59
C ARG A 69 33.06 21.50 16.93
N HIS A 70 33.15 21.18 18.23
CA HIS A 70 33.54 19.85 18.67
C HIS A 70 32.32 18.94 18.80
N SER A 71 31.64 18.71 17.67
CA SER A 71 30.51 17.79 17.67
C SER A 71 30.95 16.35 17.87
N ASP A 72 32.24 16.05 17.66
CA ASP A 72 32.74 14.71 17.94
C ASP A 72 32.73 14.42 19.43
N VAL A 73 32.82 15.45 20.26
CA VAL A 73 32.68 15.29 21.71
C VAL A 73 31.24 15.54 22.15
N PHE A 74 30.66 16.64 21.67
CA PHE A 74 29.39 17.14 22.20
C PHE A 74 28.27 16.73 21.25
N SER A 75 27.51 15.73 21.69
CA SER A 75 26.61 15.00 20.82
C SER A 75 25.21 15.59 20.85
N SER A 76 24.59 15.65 19.67
CA SER A 76 23.18 15.99 19.57
C SER A 76 22.30 14.76 19.70
N TYR A 77 22.81 13.59 19.31
CA TYR A 77 22.00 12.38 19.26
C TYR A 77 21.68 11.86 20.66
N GLU A 78 22.60 12.00 21.60
CA GLU A 78 22.51 11.25 22.85
C GLU A 78 21.26 11.63 23.64
N ASN A 79 20.96 12.93 23.75
CA ASN A 79 19.78 13.38 24.46
C ASN A 79 18.92 14.34 23.62
N GLY A 80 19.17 14.43 22.31
CA GLY A 80 18.55 15.45 21.51
C GLY A 80 19.08 16.82 21.92
N VAL A 81 18.64 17.84 21.20
CA VAL A 81 19.14 19.19 21.43
C VAL A 81 18.13 20.08 22.14
N ILE A 82 16.87 19.70 22.23
CA ILE A 82 15.90 20.49 22.99
C ILE A 82 16.14 20.23 24.47
N PRO A 83 16.34 21.26 25.29
CA PRO A 83 16.70 21.04 26.71
C PRO A 83 15.55 21.04 27.69
N ARG A 84 14.30 21.13 27.21
CA ARG A 84 13.16 21.22 28.11
C ARG A 84 11.91 20.74 27.42
N PHE A 85 11.28 19.71 27.99
CA PHE A 85 9.93 19.28 27.68
C PHE A 85 9.11 19.32 28.95
N LYS A 86 7.85 18.90 28.84
CA LYS A 86 7.06 18.62 30.03
C LYS A 86 7.82 17.67 30.93
N ASN A 87 7.77 17.93 32.24
CA ASN A 87 8.55 17.13 33.18
C ASN A 87 8.20 15.65 33.11
N ASP A 88 7.02 15.29 32.63
CA ASP A 88 6.56 13.90 32.62
C ASP A 88 6.76 13.21 31.28
N ILE A 89 7.40 13.87 30.31
CA ILE A 89 7.56 13.26 28.99
C ILE A 89 8.29 11.93 29.13
N ALA A 90 7.83 10.93 28.38
CA ALA A 90 8.46 9.62 28.40
C ALA A 90 9.76 9.65 27.59
N ARG A 91 10.77 8.93 28.09
CA ARG A 91 12.06 8.89 27.42
C ARG A 91 11.92 8.51 25.95
N GLU A 92 10.95 7.65 25.63
CA GLU A 92 10.81 7.19 24.25
C GLU A 92 10.39 8.33 23.33
N ASP A 93 9.62 9.30 23.84
CA ASP A 93 9.23 10.45 23.04
C ASP A 93 10.37 11.43 22.85
N ILE A 94 11.38 11.41 23.72
CA ILE A 94 12.61 12.15 23.46
C ILE A 94 13.38 11.48 22.34
N GLU A 95 13.50 10.15 22.39
CA GLU A 95 14.37 9.43 21.47
C GLU A 95 13.76 9.30 20.08
N VAL A 96 12.44 9.38 19.94
CA VAL A 96 11.85 9.37 18.61
C VAL A 96 12.28 10.61 17.83
N GLN A 97 12.72 11.66 18.53
CA GLN A 97 13.22 12.86 17.87
C GLN A 97 14.60 12.67 17.25
N ARG A 98 15.24 11.53 17.50
CA ARG A 98 16.50 11.23 16.84
C ARG A 98 16.33 10.98 15.35
N PHE A 99 15.10 10.89 14.85
CA PHE A 99 14.86 10.64 13.44
C PHE A 99 14.91 11.89 12.58
N VAL A 100 15.09 13.08 13.18
CA VAL A 100 15.32 14.30 12.40
C VAL A 100 16.82 14.63 12.48
N MET A 101 17.32 15.22 11.39
CA MET A 101 18.75 15.48 11.24
C MET A 101 19.31 16.33 12.37
N LEU A 102 18.49 17.21 12.96
CA LEU A 102 18.96 18.07 14.03
C LEU A 102 19.48 17.27 15.22
N ASN A 103 18.87 16.11 15.49
CA ASN A 103 19.22 15.29 16.65
C ASN A 103 20.04 14.07 16.25
N MET A 104 20.85 14.20 15.20
CA MET A 104 21.72 13.12 14.73
C MET A 104 23.17 13.55 14.85
N ASP A 105 24.04 12.56 15.06
CA ASP A 105 25.49 12.73 15.03
C ASP A 105 26.04 12.13 13.75
N ALA A 106 27.30 12.47 13.46
CA ALA A 106 27.99 11.85 12.35
C ALA A 106 28.16 10.35 12.62
N PRO A 107 28.14 9.50 11.58
CA PRO A 107 28.01 9.78 10.14
C PRO A 107 26.59 9.99 9.63
N HIS A 108 25.58 9.52 10.36
CA HIS A 108 24.21 9.65 9.89
C HIS A 108 23.89 11.10 9.54
N HIS A 109 24.25 12.03 10.41
CA HIS A 109 24.02 13.44 10.13
C HIS A 109 24.73 13.87 8.84
N THR A 110 25.98 13.44 8.68
CA THR A 110 26.75 13.89 7.53
C THR A 110 26.08 13.50 6.22
N ARG A 111 25.57 12.27 6.14
CA ARG A 111 24.87 11.84 4.93
C ARG A 111 23.63 12.69 4.69
N LEU A 112 22.78 12.83 5.72
CA LEU A 112 21.53 13.54 5.53
C LEU A 112 21.75 14.99 5.18
N ARG A 113 22.69 15.66 5.85
CA ARG A 113 22.97 17.06 5.55
C ARG A 113 23.45 17.22 4.11
N LYS A 114 24.32 16.32 3.66
CA LYS A 114 24.79 16.37 2.28
C LYS A 114 23.62 16.32 1.30
N ILE A 115 22.69 15.38 1.51
CA ILE A 115 21.53 15.29 0.62
C ILE A 115 20.67 16.55 0.75
N ILE A 116 20.32 16.91 1.99
CA ILE A 116 19.41 18.03 2.20
C ILE A 116 20.01 19.34 1.73
N SER A 117 21.34 19.43 1.65
CA SER A 117 21.97 20.63 1.11
C SER A 117 21.52 20.90 -0.33
N ARG A 118 20.99 19.90 -1.03
CA ARG A 118 20.50 20.12 -2.38
C ARG A 118 19.36 21.14 -2.41
N GLY A 119 18.57 21.20 -1.34
CA GLY A 119 17.42 22.06 -1.29
C GLY A 119 17.64 23.42 -0.67
N PHE A 120 18.87 23.71 -0.26
CA PHE A 120 19.20 24.99 0.35
C PHE A 120 20.39 25.65 -0.34
N THR A 121 20.63 25.31 -1.60
CA THR A 121 21.62 26.03 -2.37
C THR A 121 21.20 27.49 -2.48
N PRO A 122 22.16 28.40 -2.65
CA PRO A 122 21.78 29.81 -2.88
C PRO A 122 20.76 29.97 -4.00
N ARG A 123 20.86 29.13 -5.04
CA ARG A 123 19.90 29.21 -6.14
C ARG A 123 18.50 28.84 -5.68
N ALA A 124 18.36 27.69 -5.01
CA ALA A 124 17.04 27.26 -4.56
C ALA A 124 16.38 28.31 -3.69
N VAL A 125 17.16 28.93 -2.80
CA VAL A 125 16.61 29.91 -1.87
C VAL A 125 16.29 31.21 -2.60
N GLY A 126 17.21 31.68 -3.44
CA GLY A 126 17.00 32.94 -4.13
C GLY A 126 15.86 32.89 -5.13
N ARG A 127 15.57 31.70 -5.68
CA ARG A 127 14.44 31.57 -6.59
C ARG A 127 13.12 31.90 -5.91
N LEU A 128 13.06 31.82 -4.58
CA LEU A 128 11.85 32.15 -3.83
C LEU A 128 11.71 33.64 -3.57
N HIS A 129 12.68 34.45 -4.00
CA HIS A 129 12.71 35.85 -3.60
C HIS A 129 11.46 36.60 -4.07
N ASP A 130 11.15 36.50 -5.37
CA ASP A 130 10.09 37.33 -5.91
C ASP A 130 8.73 36.94 -5.33
N GLU A 131 8.42 35.65 -5.29
CA GLU A 131 7.14 35.24 -4.74
C GLU A 131 7.02 35.65 -3.28
N LEU A 132 8.09 35.48 -2.51
CA LEU A 132 8.04 35.90 -1.11
C LEU A 132 7.94 37.41 -0.98
N GLN A 133 8.59 38.15 -1.87
CA GLN A 133 8.48 39.60 -1.83
C GLN A 133 7.04 40.04 -2.10
N GLU A 134 6.40 39.45 -3.11
CA GLU A 134 4.99 39.75 -3.37
C GLU A 134 4.15 39.47 -2.13
N ARG A 135 4.30 38.29 -1.55
CA ARG A 135 3.46 37.92 -0.41
CA ARG A 135 3.48 37.91 -0.40
C ARG A 135 3.74 38.83 0.78
N ALA A 136 4.99 39.19 1.01
CA ALA A 136 5.30 40.14 2.07
C ALA A 136 4.52 41.44 1.89
N GLN A 137 4.50 41.95 0.64
CA GLN A 137 3.78 43.19 0.38
C GLN A 137 2.28 43.01 0.59
N LYS A 138 1.74 41.86 0.19
CA LYS A 138 0.32 41.59 0.38
C LYS A 138 -0.03 41.45 1.86
N ILE A 139 0.82 40.76 2.62
CA ILE A 139 0.58 40.62 4.06
C ILE A 139 0.51 42.00 4.72
N ALA A 140 1.51 42.85 4.45
CA ALA A 140 1.57 44.15 5.10
C ALA A 140 0.41 45.04 4.65
N ALA A 141 0.02 44.95 3.38
CA ALA A 141 -1.10 45.73 2.88
C ALA A 141 -2.39 45.34 3.57
N GLU A 142 -2.64 44.03 3.70
CA GLU A 142 -3.87 43.57 4.33
C GLU A 142 -3.91 43.96 5.80
N ALA A 143 -2.80 43.81 6.51
CA ALA A 143 -2.76 44.18 7.92
C ALA A 143 -3.08 45.66 8.09
N ALA A 144 -2.40 46.53 7.33
CA ALA A 144 -2.62 47.96 7.48
C ALA A 144 -4.07 48.32 7.22
N ALA A 145 -4.71 47.64 6.26
CA ALA A 145 -6.10 47.94 5.96
C ALA A 145 -7.02 47.60 7.13
N ALA A 146 -6.63 46.64 7.96
CA ALA A 146 -7.40 46.33 9.15
C ALA A 146 -7.20 47.38 10.25
N GLY A 147 -6.29 48.32 10.06
CA GLY A 147 -6.11 49.42 11.01
C GLY A 147 -5.41 49.07 12.29
N SER A 148 -5.85 48.01 12.97
CA SER A 148 -5.27 47.59 14.23
C SER A 148 -5.53 46.09 14.38
N GLY A 149 -4.67 45.45 15.17
CA GLY A 149 -4.81 44.03 15.38
C GLY A 149 -3.55 43.43 15.97
N ASP A 150 -3.44 42.11 15.82
CA ASP A 150 -2.39 41.31 16.43
C ASP A 150 -1.23 41.20 15.44
N PHE A 151 -0.14 41.92 15.71
CA PHE A 151 1.01 41.90 14.82
C PHE A 151 1.52 40.48 14.61
N VAL A 152 1.51 39.66 15.67
CA VAL A 152 2.02 38.30 15.56
C VAL A 152 1.27 37.55 14.47
N GLU A 153 -0.05 37.65 14.47
CA GLU A 153 -0.90 36.87 13.58
C GLU A 153 -1.07 37.51 12.22
N GLN A 154 -1.11 38.84 12.13
CA GLN A 154 -1.39 39.51 10.87
C GLN A 154 -0.14 39.87 10.08
N VAL A 155 1.05 39.87 10.69
CA VAL A 155 2.28 40.22 10.01
C VAL A 155 3.32 39.10 10.10
N SER A 156 3.55 38.60 11.32
CA SER A 156 4.71 37.73 11.56
C SER A 156 4.49 36.28 11.14
N CYS A 157 3.26 35.76 11.24
CA CYS A 157 3.04 34.31 11.14
CA CYS A 157 3.11 34.32 11.14
C CYS A 157 3.15 33.82 9.70
N GLU A 158 2.60 34.56 8.74
CA GLU A 158 2.37 33.96 7.43
C GLU A 158 3.67 33.74 6.65
N LEU A 159 4.48 34.79 6.48
CA LEU A 159 5.59 34.68 5.54
C LEU A 159 6.52 33.51 5.82
N PRO A 160 6.91 33.22 7.07
CA PRO A 160 7.73 32.02 7.31
C PRO A 160 7.08 30.75 6.78
N LEU A 161 5.76 30.62 6.95
CA LEU A 161 5.08 29.43 6.45
C LEU A 161 5.08 29.39 4.92
N GLN A 162 4.82 30.53 4.28
CA GLN A 162 4.87 30.57 2.82
C GLN A 162 6.28 30.28 2.30
N ALA A 163 7.31 30.63 3.08
CA ALA A 163 8.68 30.28 2.70
C ALA A 163 8.86 28.76 2.68
N ILE A 164 8.35 28.07 3.70
CA ILE A 164 8.46 26.62 3.73
C ILE A 164 7.64 26.00 2.61
N ALA A 165 6.42 26.48 2.41
CA ALA A 165 5.58 25.95 1.35
C ALA A 165 6.22 26.17 -0.02
N GLY A 166 6.77 27.35 -0.25
CA GLY A 166 7.42 27.62 -1.53
C GLY A 166 8.65 26.75 -1.76
N LEU A 167 9.47 26.59 -0.72
CA LEU A 167 10.64 25.73 -0.84
C LEU A 167 10.23 24.31 -1.22
N LEU A 168 9.18 23.78 -0.58
CA LEU A 168 8.76 22.41 -0.78
C LEU A 168 7.85 22.22 -2.00
N GLY A 169 7.37 23.31 -2.59
CA GLY A 169 6.42 23.19 -3.67
C GLY A 169 5.05 22.72 -3.24
N VAL A 170 4.62 23.12 -2.05
CA VAL A 170 3.30 22.69 -1.55
C VAL A 170 2.21 23.42 -2.35
N PRO A 171 1.26 22.70 -2.94
CA PRO A 171 0.16 23.39 -3.63
C PRO A 171 -0.63 24.27 -2.68
N GLN A 172 -1.20 25.34 -3.25
CA GLN A 172 -1.85 26.36 -2.43
C GLN A 172 -3.01 25.77 -1.62
N GLU A 173 -3.77 24.84 -2.22
CA GLU A 173 -4.89 24.25 -1.51
C GLU A 173 -4.42 23.51 -0.25
N ASP A 174 -3.19 23.01 -0.26
CA ASP A 174 -2.66 22.23 0.85
C ASP A 174 -1.98 23.09 1.92
N ARG A 175 -1.65 24.35 1.60
CA ARG A 175 -0.89 25.16 2.54
C ARG A 175 -1.66 25.42 3.81
N GLY A 176 -3.00 25.36 3.75
CA GLY A 176 -3.78 25.52 4.96
C GLY A 176 -3.46 24.47 6.00
N LYS A 177 -3.44 23.19 5.59
CA LYS A 177 -3.20 22.12 6.55
C LYS A 177 -1.72 21.98 6.89
N LEU A 178 -0.82 22.30 5.95
CA LEU A 178 0.60 22.34 6.29
C LEU A 178 0.84 23.34 7.42
N PHE A 179 0.28 24.55 7.28
CA PHE A 179 0.46 25.57 8.30
C PHE A 179 -0.11 25.13 9.63
N HIS A 180 -1.29 24.48 9.60
CA HIS A 180 -1.90 24.00 10.84
C HIS A 180 -0.99 23.00 11.53
N TRP A 181 -0.47 22.02 10.78
CA TRP A 181 0.43 21.04 11.38
C TRP A 181 1.68 21.71 11.94
N SER A 182 2.23 22.69 11.21
CA SER A 182 3.46 23.33 11.65
C SER A 182 3.24 24.12 12.94
N ASN A 183 2.06 24.72 13.12
CA ASN A 183 1.77 25.48 14.33
C ASN A 183 1.41 24.61 15.51
N GLU A 184 1.22 23.31 15.30
CA GLU A 184 0.94 22.37 16.37
C GLU A 184 2.18 21.59 16.81
N MET A 185 3.37 22.02 16.37
CA MET A 185 4.59 21.30 16.67
C MET A 185 5.30 21.82 17.92
N THR A 186 5.13 23.10 18.24
CA THR A 186 5.80 23.70 19.39
C THR A 186 4.80 24.58 20.13
N GLY A 187 5.21 25.07 21.30
CA GLY A 187 4.32 25.76 22.20
C GLY A 187 3.57 24.86 23.15
N ASN A 188 3.96 23.57 23.23
CA ASN A 188 3.18 22.59 23.97
C ASN A 188 2.95 23.00 25.42
N GLU A 189 3.91 23.69 26.02
CA GLU A 189 3.87 23.95 27.46
C GLU A 189 3.09 25.20 27.83
N ASP A 190 2.59 25.97 26.86
CA ASP A 190 1.80 27.14 27.20
C ASP A 190 0.34 26.76 27.42
N PRO A 191 -0.33 27.33 28.43
CA PRO A 191 -1.75 26.97 28.62
C PRO A 191 -2.62 27.23 27.40
N GLU A 192 -2.28 28.22 26.59
CA GLU A 192 -3.11 28.52 25.42
C GLU A 192 -3.02 27.42 24.37
N TYR A 193 -2.00 26.55 24.43
CA TYR A 193 -1.83 25.46 23.49
C TYR A 193 -1.82 24.11 24.17
N ALA A 194 -2.42 24.00 25.36
CA ALA A 194 -2.38 22.75 26.11
C ALA A 194 -3.05 21.61 25.37
N HIS A 195 -3.87 21.90 24.36
CA HIS A 195 -4.62 20.88 23.65
C HIS A 195 -3.96 20.44 22.35
N ILE A 196 -2.85 21.06 21.94
CA ILE A 196 -2.17 20.59 20.74
C ILE A 196 -1.48 19.28 21.06
N ASP A 197 -1.44 18.38 20.09
CA ASP A 197 -0.81 17.07 20.21
C ASP A 197 0.34 17.03 19.20
N PRO A 198 1.55 17.39 19.61
CA PRO A 198 2.65 17.41 18.63
C PRO A 198 2.90 16.06 17.99
N LYS A 199 2.78 14.97 18.75
CA LYS A 199 3.02 13.65 18.18
C LYS A 199 2.00 13.31 17.10
N ALA A 200 0.72 13.61 17.36
CA ALA A 200 -0.29 13.40 16.33
C ALA A 200 -0.02 14.26 15.10
N SER A 201 0.33 15.53 15.32
CA SER A 201 0.58 16.43 14.20
C SER A 201 1.73 15.93 13.33
N SER A 202 2.81 15.47 13.96
CA SER A 202 3.95 14.99 13.19
C SER A 202 3.59 13.76 12.38
N ALA A 203 2.81 12.85 12.96
CA ALA A 203 2.36 11.67 12.23
C ALA A 203 1.59 12.06 10.97
N GLU A 204 0.69 13.03 11.09
CA GLU A 204 -0.06 13.48 9.91
C GLU A 204 0.86 14.15 8.92
N LEU A 205 1.80 14.96 9.41
CA LEU A 205 2.73 15.62 8.51
C LEU A 205 3.58 14.61 7.75
N ILE A 206 4.12 13.62 8.47
CA ILE A 206 4.91 12.58 7.82
C ILE A 206 4.07 11.88 6.76
N GLY A 207 2.81 11.56 7.08
CA GLY A 207 1.96 10.92 6.10
C GLY A 207 1.75 11.79 4.87
N TYR A 208 1.38 13.05 5.07
CA TYR A 208 1.26 13.96 3.95
C TYR A 208 2.57 14.06 3.18
N ALA A 209 3.69 14.15 3.90
CA ALA A 209 4.98 14.31 3.25
C ALA A 209 5.34 13.08 2.42
N MET A 210 5.13 11.89 2.98
CA MET A 210 5.42 10.67 2.22
C MET A 210 4.53 10.58 0.99
N LYS A 211 3.26 10.97 1.11
CA LYS A 211 2.38 11.01 -0.04
C LYS A 211 2.90 11.97 -1.10
N MET A 212 3.44 13.12 -0.69
CA MET A 212 4.00 14.05 -1.66
C MET A 212 5.27 13.50 -2.29
N ALA A 213 6.06 12.75 -1.53
CA ALA A 213 7.29 12.18 -2.06
C ALA A 213 6.99 11.25 -3.22
N GLU A 214 6.08 10.30 -3.03
CA GLU A 214 5.75 9.37 -4.10
C GLU A 214 5.11 10.08 -5.27
N GLU A 215 4.23 11.05 -4.99
CA GLU A 215 3.64 11.85 -6.06
C GLU A 215 4.70 12.54 -6.89
N LYS A 216 5.71 13.11 -6.23
CA LYS A 216 6.73 13.87 -6.95
C LYS A 216 7.70 12.97 -7.71
N ALA A 217 7.87 11.72 -7.27
CA ALA A 217 8.67 10.78 -8.06
C ALA A 217 8.00 10.50 -9.40
N LYS A 218 6.68 10.33 -9.39
CA LYS A 218 5.95 10.10 -10.63
C LYS A 218 6.09 11.28 -11.59
N ASN A 219 6.12 12.51 -11.05
CA ASN A 219 6.12 13.73 -11.86
C ASN A 219 7.18 14.70 -11.35
N PRO A 220 8.45 14.47 -11.72
CA PRO A 220 9.50 15.41 -11.31
C PRO A 220 9.19 16.85 -11.70
N ALA A 221 9.58 17.77 -10.83
CA ALA A 221 9.52 19.20 -11.12
C ALA A 221 10.89 19.80 -10.82
N ASP A 222 11.00 21.13 -10.80
CA ASP A 222 12.27 21.79 -10.52
C ASP A 222 12.35 22.33 -9.10
N ASP A 223 11.39 21.99 -8.24
CA ASP A 223 11.50 22.31 -6.83
C ASP A 223 12.40 21.28 -6.14
N ILE A 224 12.67 21.50 -4.86
CA ILE A 224 13.72 20.72 -4.19
C ILE A 224 13.29 19.30 -3.87
N VAL A 225 11.99 19.04 -3.74
CA VAL A 225 11.53 17.70 -3.38
C VAL A 225 12.09 16.67 -4.37
N THR A 226 11.94 16.95 -5.67
CA THR A 226 12.54 16.10 -6.70
C THR A 226 14.02 15.91 -6.45
N GLN A 227 14.74 17.02 -6.20
CA GLN A 227 16.18 16.93 -5.97
C GLN A 227 16.51 16.04 -4.77
N LEU A 228 15.67 16.05 -3.74
CA LEU A 228 15.99 15.33 -2.51
C LEU A 228 15.77 13.82 -2.67
N ILE A 229 14.74 13.41 -3.41
CA ILE A 229 14.35 12.01 -3.48
C ILE A 229 14.88 11.33 -4.74
N GLN A 230 15.69 12.01 -5.53
CA GLN A 230 16.33 11.40 -6.69
C GLN A 230 17.75 11.00 -6.32
N ALA A 231 18.10 9.76 -6.62
CA ALA A 231 19.41 9.24 -6.25
C ALA A 231 20.50 9.89 -7.09
N ASP A 232 21.61 10.23 -6.45
CA ASP A 232 22.78 10.74 -7.14
C ASP A 232 23.65 9.56 -7.58
N ILE A 233 24.88 9.83 -8.03
CA ILE A 233 25.71 8.77 -8.59
C ILE A 233 25.90 7.64 -7.59
N ASP A 234 26.05 7.97 -6.32
CA ASP A 234 26.26 6.98 -5.27
C ASP A 234 24.96 6.42 -4.70
N GLY A 235 23.83 6.68 -5.35
CA GLY A 235 22.56 6.19 -4.87
C GLY A 235 22.01 6.93 -3.67
N GLU A 236 22.54 8.10 -3.35
CA GLU A 236 22.13 8.82 -2.15
C GLU A 236 20.86 9.64 -2.43
N LYS A 237 19.92 9.57 -1.51
CA LYS A 237 18.67 10.30 -1.60
C LYS A 237 17.88 10.02 -0.33
N LEU A 238 16.88 10.86 -0.08
CA LEU A 238 15.99 10.67 1.06
C LEU A 238 14.95 9.62 0.71
N SER A 239 14.83 8.59 1.55
CA SER A 239 13.66 7.74 1.52
C SER A 239 12.40 8.59 1.70
N ASP A 240 11.24 7.99 1.45
CA ASP A 240 9.99 8.72 1.60
C ASP A 240 9.80 9.15 3.06
N ASP A 241 10.13 8.27 4.01
CA ASP A 241 9.97 8.63 5.42
C ASP A 241 11.05 9.61 5.85
N GLU A 242 12.27 9.47 5.32
CA GLU A 242 13.30 10.47 5.59
C GLU A 242 12.87 11.84 5.11
N PHE A 243 12.20 11.91 3.95
CA PHE A 243 11.62 13.18 3.52
C PHE A 243 10.57 13.66 4.50
N GLY A 244 9.75 12.74 5.01
CA GLY A 244 8.76 13.12 5.99
C GLY A 244 9.38 13.74 7.23
N PHE A 245 10.43 13.11 7.76
CA PHE A 245 11.11 13.67 8.91
C PHE A 245 11.80 14.99 8.58
N PHE A 246 12.23 15.16 7.32
CA PHE A 246 12.76 16.45 6.91
C PHE A 246 11.69 17.52 6.99
N VAL A 247 10.50 17.24 6.43
CA VAL A 247 9.43 18.24 6.45
C VAL A 247 9.05 18.56 7.89
N VAL A 248 8.98 17.53 8.74
CA VAL A 248 8.67 17.77 10.15
C VAL A 248 9.69 18.73 10.76
N MET A 249 10.96 18.57 10.39
CA MET A 249 11.99 19.42 10.97
C MET A 249 11.86 20.86 10.48
N LEU A 250 11.52 21.05 9.20
CA LEU A 250 11.32 22.40 8.70
C LEU A 250 10.23 23.12 9.49
N ALA A 251 9.13 22.43 9.78
CA ALA A 251 8.09 23.01 10.62
C ALA A 251 8.63 23.36 12.00
N VAL A 252 9.43 22.47 12.58
CA VAL A 252 9.91 22.67 13.94
C VAL A 252 10.95 23.79 13.98
N ALA A 253 11.82 23.86 12.97
CA ALA A 253 12.98 24.74 13.02
C ALA A 253 12.79 26.06 12.28
N GLY A 254 11.86 26.14 11.35
CA GLY A 254 11.81 27.28 10.45
C GLY A 254 10.55 28.10 10.47
N ASN A 255 9.61 27.76 11.33
CA ASN A 255 8.33 28.46 11.36
C ASN A 255 8.32 29.49 12.49
N GLU A 256 8.16 29.02 13.72
CA GLU A 256 8.00 29.94 14.84
C GLU A 256 9.27 30.73 15.14
N THR A 257 10.45 30.18 14.81
CA THR A 257 11.69 30.93 15.01
C THR A 257 11.68 32.22 14.19
N THR A 258 11.46 32.10 12.88
CA THR A 258 11.41 33.29 12.04
C THR A 258 10.27 34.21 12.45
N ARG A 259 9.09 33.65 12.71
CA ARG A 259 7.97 34.45 13.18
C ARG A 259 8.37 35.28 14.39
N ASN A 260 9.05 34.65 15.35
CA ASN A 260 9.39 35.37 16.58
C ASN A 260 10.48 36.40 16.34
N SER A 261 11.36 36.16 15.37
CA SER A 261 12.32 37.20 14.99
CA SER A 261 12.32 37.20 15.00
C SER A 261 11.60 38.43 14.47
N ILE A 262 10.55 38.22 13.66
CA ILE A 262 9.81 39.35 13.09
C ILE A 262 9.10 40.13 14.19
N THR A 263 8.35 39.43 15.05
CA THR A 263 7.63 40.11 16.12
C THR A 263 8.58 40.89 17.01
N GLN A 264 9.65 40.25 17.47
CA GLN A 264 10.57 40.92 18.38
C GLN A 264 11.45 41.93 17.66
N GLY A 265 11.72 41.72 16.37
CA GLY A 265 12.36 42.77 15.59
C GLY A 265 11.53 44.04 15.60
N MET A 266 10.21 43.90 15.43
CA MET A 266 9.34 45.08 15.45
C MET A 266 9.19 45.64 16.86
N MET A 267 9.22 44.78 17.88
CA MET A 267 9.29 45.28 19.24
C MET A 267 10.54 46.12 19.46
N ALA A 268 11.67 45.64 18.95
CA ALA A 268 12.91 46.42 19.05
C ALA A 268 12.74 47.77 18.36
N PHE A 269 12.18 47.78 17.16
CA PHE A 269 11.99 49.04 16.44
C PHE A 269 11.08 49.98 17.21
N ALA A 270 10.01 49.44 17.80
CA ALA A 270 9.11 50.27 18.59
C ALA A 270 9.81 50.89 19.79
N GLU A 271 10.78 50.16 20.37
CA GLU A 271 11.51 50.65 21.54
C GLU A 271 12.64 51.59 21.15
N HIS A 272 13.05 51.60 19.89
CA HIS A 272 14.22 52.35 19.42
C HIS A 272 13.84 53.09 18.15
N PRO A 273 13.01 54.13 18.27
CA PRO A 273 12.46 54.77 17.07
C PRO A 273 13.52 55.31 16.12
N ASP A 274 14.69 55.70 16.63
CA ASP A 274 15.75 56.18 15.75
C ASP A 274 16.23 55.06 14.83
N GLN A 275 16.35 53.84 15.35
CA GLN A 275 16.66 52.71 14.49
C GLN A 275 15.55 52.50 13.46
N TRP A 276 14.29 52.69 13.87
CA TRP A 276 13.18 52.53 12.94
C TRP A 276 13.23 53.56 11.82
N GLU A 277 13.46 54.83 12.17
CA GLU A 277 13.61 55.85 11.14
C GLU A 277 14.77 55.52 10.23
N LEU A 278 15.90 55.11 10.80
CA LEU A 278 17.05 54.73 9.99
C LEU A 278 16.72 53.55 9.09
N TYR A 279 15.96 52.58 9.61
CA TYR A 279 15.59 51.45 8.77
C TYR A 279 14.70 51.90 7.61
N LYS A 280 13.68 52.71 7.91
CA LYS A 280 12.74 53.12 6.86
C LYS A 280 13.46 53.89 5.76
N LYS A 281 14.46 54.70 6.11
CA LYS A 281 15.17 55.47 5.11
C LYS A 281 16.15 54.62 4.30
N VAL A 282 16.91 53.74 4.97
CA VAL A 282 18.04 53.07 4.34
C VAL A 282 17.70 51.63 3.97
N ARG A 283 16.82 51.00 4.74
CA ARG A 283 16.46 49.59 4.52
C ARG A 283 17.70 48.69 4.54
N PRO A 284 18.55 48.80 5.56
CA PRO A 284 19.78 48.01 5.57
C PRO A 284 19.49 46.54 5.87
N GLU A 285 20.00 45.65 5.02
CA GLU A 285 19.79 44.22 5.22
C GLU A 285 20.58 43.69 6.40
N THR A 286 21.60 44.41 6.86
CA THR A 286 22.22 44.07 8.14
C THR A 286 21.19 44.03 9.26
N ALA A 287 20.07 44.73 9.12
CA ALA A 287 19.02 44.70 10.13
C ALA A 287 18.61 43.26 10.46
N ALA A 288 18.57 42.40 9.45
CA ALA A 288 18.10 41.03 9.68
C ALA A 288 18.92 40.33 10.75
N ASP A 289 20.24 40.48 10.71
CA ASP A 289 21.09 39.79 11.68
C ASP A 289 20.98 40.43 13.06
N GLU A 290 20.84 41.76 13.12
CA GLU A 290 20.66 42.39 14.42
C GLU A 290 19.30 42.04 15.02
N ILE A 291 18.30 41.84 14.17
CA ILE A 291 17.00 41.40 14.67
C ILE A 291 17.10 39.98 15.22
N VAL A 292 17.79 39.09 14.50
CA VAL A 292 17.94 37.72 14.99
C VAL A 292 18.78 37.70 16.26
N ARG A 293 19.86 38.49 16.31
CA ARG A 293 20.64 38.59 17.55
C ARG A 293 19.76 39.09 18.69
N TRP A 294 18.99 40.16 18.43
CA TRP A 294 18.15 40.73 19.47
C TRP A 294 17.06 39.76 19.88
N ALA A 295 16.47 39.06 18.91
CA ALA A 295 15.34 38.18 19.18
C ALA A 295 15.78 36.82 19.73
N THR A 296 16.95 36.33 19.33
CA THR A 296 17.45 35.00 19.66
C THR A 296 16.27 34.04 19.82
N PRO A 297 15.60 33.70 18.72
CA PRO A 297 14.35 32.92 18.84
C PRO A 297 14.54 31.57 19.52
N VAL A 298 15.67 30.91 19.29
CA VAL A 298 16.04 29.72 20.04
C VAL A 298 16.90 30.20 21.21
N THR A 299 16.31 30.18 22.42
CA THR A 299 17.05 30.59 23.60
C THR A 299 18.23 29.66 23.85
N ALA A 300 18.04 28.35 23.65
CA ALA A 300 19.08 27.40 24.00
C ALA A 300 18.86 26.05 23.32
N PHE A 301 19.95 25.44 22.88
CA PHE A 301 20.02 24.03 22.52
C PHE A 301 21.10 23.38 23.39
N GLN A 302 20.97 22.08 23.59
CA GLN A 302 21.91 21.35 24.42
C GLN A 302 22.74 20.36 23.61
N ARG A 303 23.80 19.89 24.24
CA ARG A 303 24.60 18.77 23.76
C ARG A 303 24.93 17.88 24.96
N THR A 304 25.38 16.67 24.68
CA THR A 304 25.78 15.72 25.71
C THR A 304 27.23 15.31 25.46
N ALA A 305 28.04 15.39 26.51
CA ALA A 305 29.45 15.01 26.40
C ALA A 305 29.59 13.51 26.21
N LEU A 306 30.26 13.10 25.13
CA LEU A 306 30.58 11.71 24.92
C LEU A 306 31.83 11.28 25.67
N ARG A 307 32.63 12.23 26.12
CA ARG A 307 33.86 11.96 26.86
CA ARG A 307 33.81 11.92 26.93
C ARG A 307 34.11 13.12 27.82
N ASP A 308 35.04 12.90 28.75
CA ASP A 308 35.50 14.01 29.58
C ASP A 308 36.09 15.08 28.66
N TYR A 309 35.86 16.34 29.02
CA TYR A 309 36.32 17.45 28.18
C TYR A 309 36.45 18.68 29.06
N GLU A 310 37.61 19.31 29.01
CA GLU A 310 37.85 20.53 29.77
C GLU A 310 37.50 21.74 28.90
N LEU A 311 36.59 22.57 29.39
CA LEU A 311 36.09 23.72 28.64
C LEU A 311 36.30 24.97 29.47
N SER A 312 37.14 25.88 28.99
CA SER A 312 37.46 27.11 29.70
C SER A 312 37.69 26.83 31.18
N GLY A 313 38.50 25.80 31.45
CA GLY A 313 38.92 25.48 32.79
C GLY A 313 37.89 24.75 33.63
N VAL A 314 36.76 24.36 33.06
CA VAL A 314 35.75 23.57 33.75
C VAL A 314 35.78 22.16 33.18
N GLN A 315 35.72 21.17 34.06
CA GLN A 315 35.78 19.77 33.64
C GLN A 315 34.36 19.26 33.39
N ILE A 316 34.02 19.09 32.11
CA ILE A 316 32.78 18.42 31.75
C ILE A 316 33.01 16.92 31.80
N LYS A 317 32.09 16.20 32.46
CA LYS A 317 32.21 14.75 32.60
C LYS A 317 31.42 14.06 31.50
N LYS A 318 31.94 12.92 31.05
CA LYS A 318 31.23 12.06 30.13
C LYS A 318 29.78 11.89 30.58
N GLY A 319 28.85 12.10 29.66
CA GLY A 319 27.44 11.91 29.94
C GLY A 319 26.71 13.16 30.40
N GLN A 320 27.43 14.20 30.81
CA GLN A 320 26.78 15.42 31.27
C GLN A 320 26.23 16.21 30.08
N ARG A 321 25.14 16.92 30.34
CA ARG A 321 24.56 17.83 29.36
C ARG A 321 25.18 19.22 29.52
N VAL A 322 25.45 19.86 28.39
CA VAL A 322 25.79 21.28 28.35
C VAL A 322 24.72 21.98 27.54
N VAL A 323 24.22 23.11 28.06
CA VAL A 323 23.13 23.85 27.44
C VAL A 323 23.70 25.17 26.94
N MET A 324 23.63 25.39 25.64
CA MET A 324 24.18 26.58 25.01
C MET A 324 23.12 27.67 25.01
N PHE A 325 23.28 28.65 25.89
CA PHE A 325 22.31 29.74 26.00
C PHE A 325 22.68 30.81 24.99
N TYR A 326 22.15 30.64 23.77
CA TYR A 326 22.35 31.63 22.72
C TYR A 326 21.92 33.01 23.18
N ARG A 327 20.87 33.08 24.00
CA ARG A 327 20.38 34.37 24.49
C ARG A 327 21.43 35.09 25.34
N SER A 328 22.29 34.33 26.02
CA SER A 328 23.37 34.97 26.76
C SER A 328 24.56 35.29 25.85
N ALA A 329 24.92 34.33 24.98
CA ALA A 329 26.09 34.52 24.13
C ALA A 329 25.90 35.67 23.15
N ASN A 330 24.68 35.91 22.69
CA ASN A 330 24.43 36.99 21.75
C ASN A 330 24.50 38.36 22.41
N PHE A 331 24.72 38.42 23.72
CA PHE A 331 24.92 39.68 24.42
C PHE A 331 26.22 39.63 25.21
N ASP A 332 27.19 38.86 24.70
CA ASP A 332 28.47 38.70 25.36
C ASP A 332 29.31 39.97 25.17
N GLU A 333 29.64 40.62 26.29
CA GLU A 333 30.33 41.89 26.23
C GLU A 333 31.73 41.76 25.63
N GLU A 334 32.32 40.58 25.68
CA GLU A 334 33.67 40.39 25.13
C GLU A 334 33.67 40.26 23.62
N VAL A 335 32.52 40.01 23.00
CA VAL A 335 32.42 39.85 21.56
C VAL A 335 31.75 41.05 20.90
N PHE A 336 30.74 41.63 21.55
CA PHE A 336 29.92 42.66 20.95
C PHE A 336 30.22 44.01 21.58
N GLN A 337 30.28 45.04 20.75
CA GLN A 337 30.43 46.41 21.21
C GLN A 337 29.04 46.92 21.59
N ASP A 338 28.83 47.18 22.88
CA ASP A 338 27.54 47.66 23.35
C ASP A 338 26.48 46.63 22.98
N PRO A 339 26.57 45.41 23.50
CA PRO A 339 25.61 44.36 23.11
C PRO A 339 24.16 44.75 23.36
N PHE A 340 23.91 45.58 24.35
CA PHE A 340 22.56 45.99 24.70
C PHE A 340 22.11 47.23 23.95
N THR A 341 22.85 47.63 22.92
CA THR A 341 22.39 48.62 21.96
C THR A 341 21.86 47.88 20.73
N PHE A 342 20.62 48.19 20.36
CA PHE A 342 20.01 47.68 19.13
C PHE A 342 20.54 48.54 17.98
N ASN A 343 21.32 47.94 17.09
CA ASN A 343 22.06 48.67 16.06
C ASN A 343 21.94 47.90 14.75
N ILE A 344 20.99 48.31 13.89
CA ILE A 344 20.70 47.55 12.68
C ILE A 344 21.83 47.65 11.69
N LEU A 345 22.83 48.47 11.99
CA LEU A 345 24.02 48.60 11.15
C LEU A 345 25.19 47.76 11.66
N ARG A 346 25.02 47.06 12.79
CA ARG A 346 26.11 46.27 13.35
C ARG A 346 26.75 45.38 12.29
N ASN A 347 28.07 45.46 12.18
CA ASN A 347 28.78 44.83 11.08
C ASN A 347 30.27 44.81 11.37
N PRO A 348 30.90 43.63 11.46
CA PRO A 348 30.31 42.29 11.39
C PRO A 348 29.41 42.00 12.58
N ASN A 349 28.51 41.03 12.44
CA ASN A 349 27.58 40.64 13.51
C ASN A 349 27.69 39.14 13.72
N PRO A 350 28.67 38.68 14.54
CA PRO A 350 28.91 37.25 14.74
C PRO A 350 28.02 36.61 15.80
N HIS A 351 26.72 36.86 15.70
CA HIS A 351 25.77 36.29 16.64
C HIS A 351 25.63 34.78 16.40
N VAL A 352 25.10 34.10 17.41
CA VAL A 352 24.91 32.66 17.36
C VAL A 352 23.42 32.36 17.41
N GLY A 353 22.60 33.31 16.94
CA GLY A 353 21.18 33.05 16.85
C GLY A 353 20.86 31.87 15.95
N PHE A 354 21.71 31.61 14.96
CA PHE A 354 21.59 30.45 14.09
C PHE A 354 22.47 29.30 14.56
N GLY A 355 22.94 29.37 15.81
CA GLY A 355 23.84 28.38 16.35
C GLY A 355 25.29 28.80 16.23
N GLY A 356 26.16 27.99 16.83
CA GLY A 356 27.58 28.15 16.61
C GLY A 356 27.99 27.45 15.32
N THR A 357 28.90 28.08 14.58
CA THR A 357 29.47 27.46 13.40
C THR A 357 29.85 26.02 13.69
N GLY A 358 29.49 25.13 12.78
CA GLY A 358 29.75 23.72 12.97
C GLY A 358 28.82 22.88 12.12
N ALA A 359 28.83 21.57 12.41
CA ALA A 359 28.14 20.62 11.54
C ALA A 359 26.65 20.90 11.45
N HIS A 360 26.04 21.43 12.50
CA HIS A 360 24.60 21.61 12.57
C HIS A 360 24.15 23.04 12.30
N TYR A 361 25.05 23.91 11.85
CA TYR A 361 24.71 25.31 11.64
C TYR A 361 23.46 25.44 10.78
N CYS A 362 22.56 26.33 11.19
CA CYS A 362 21.27 26.48 10.52
C CYS A 362 21.42 26.52 9.01
N ILE A 363 20.84 25.52 8.34
CA ILE A 363 20.87 25.48 6.89
C ILE A 363 19.91 26.48 6.27
N GLY A 364 18.94 26.98 7.04
CA GLY A 364 17.99 27.95 6.52
C GLY A 364 18.27 29.38 6.93
N ALA A 365 19.51 29.66 7.35
CA ALA A 365 19.82 30.99 7.89
C ALA A 365 19.56 32.08 6.86
N ASN A 366 19.98 31.86 5.60
CA ASN A 366 19.80 32.89 4.59
C ASN A 366 18.37 32.97 4.11
N LEU A 367 17.65 31.85 4.04
CA LEU A 367 16.21 31.91 3.82
C LEU A 367 15.54 32.74 4.90
N ALA A 368 15.92 32.52 6.16
CA ALA A 368 15.34 33.31 7.25
C ALA A 368 15.67 34.78 7.11
N ARG A 369 16.94 35.11 6.84
CA ARG A 369 17.34 36.49 6.68
C ARG A 369 16.55 37.18 5.57
N MET A 370 16.35 36.48 4.44
CA MET A 370 15.59 37.06 3.35
C MET A 370 14.13 37.27 3.74
N THR A 371 13.52 36.27 4.40
CA THR A 371 12.16 36.43 4.90
C THR A 371 12.06 37.68 5.77
N ILE A 372 13.05 37.89 6.64
CA ILE A 372 13.00 39.02 7.56
C ILE A 372 13.14 40.33 6.80
N ASN A 373 14.12 40.41 5.89
CA ASN A 373 14.31 41.64 5.14
C ASN A 373 13.09 41.96 4.29
N LEU A 374 12.52 40.95 3.62
CA LEU A 374 11.35 41.20 2.78
C LEU A 374 10.18 41.73 3.61
N ILE A 375 9.89 41.09 4.75
CA ILE A 375 8.71 41.49 5.50
C ILE A 375 8.90 42.87 6.13
N PHE A 376 10.11 43.18 6.59
CA PHE A 376 10.30 44.49 7.22
C PHE A 376 10.34 45.61 6.18
N ASN A 377 10.75 45.30 4.95
CA ASN A 377 10.55 46.27 3.87
C ASN A 377 9.07 46.53 3.64
N ALA A 378 8.24 45.47 3.68
CA ALA A 378 6.82 45.65 3.47
C ALA A 378 6.17 46.40 4.63
N VAL A 379 6.59 46.11 5.86
CA VAL A 379 6.07 46.84 7.01
C VAL A 379 6.44 48.32 6.90
N ALA A 380 7.65 48.60 6.43
CA ALA A 380 8.05 50.00 6.23
C ALA A 380 7.25 50.64 5.10
N ASP A 381 6.92 49.88 4.06
CA ASP A 381 6.21 50.44 2.92
C ASP A 381 4.77 50.76 3.26
N HIS A 382 4.11 49.90 4.05
CA HIS A 382 2.67 49.98 4.22
C HIS A 382 2.21 50.47 5.58
N MET A 383 3.04 50.38 6.61
CA MET A 383 2.66 50.77 7.96
CA MET A 383 2.65 50.81 7.96
C MET A 383 3.85 51.43 8.67
N PRO A 384 4.43 52.47 8.07
CA PRO A 384 5.65 53.06 8.67
C PRO A 384 5.44 53.71 10.03
N ASP A 385 4.22 54.07 10.40
CA ASP A 385 3.96 54.73 11.68
C ASP A 385 3.24 53.81 12.67
N LEU A 386 3.29 52.51 12.42
CA LEU A 386 2.89 51.47 13.37
C LEU A 386 3.25 51.85 14.81
N LYS A 387 2.32 51.63 15.73
CA LYS A 387 2.57 51.87 17.15
C LYS A 387 1.89 50.81 18.01
N PRO A 388 2.57 50.29 19.03
CA PRO A 388 1.95 49.28 19.88
C PRO A 388 0.80 49.85 20.70
N ILE A 389 -0.16 48.97 21.02
CA ILE A 389 -1.27 49.29 21.89
C ILE A 389 -1.04 48.76 23.30
N SER A 390 -0.77 47.46 23.43
CA SER A 390 -0.54 46.83 24.71
C SER A 390 0.73 45.99 24.66
N ALA A 391 1.14 45.50 25.83
CA ALA A 391 2.37 44.74 25.95
C ALA A 391 2.26 43.39 25.24
N PRO A 392 3.37 42.85 24.76
CA PRO A 392 3.33 41.51 24.16
C PRO A 392 3.05 40.45 25.21
N GLU A 393 2.44 39.35 24.77
CA GLU A 393 2.24 38.17 25.59
C GLU A 393 3.29 37.13 25.22
N ARG A 394 4.06 36.69 26.21
CA ARG A 394 5.17 35.79 25.95
C ARG A 394 4.73 34.33 26.05
N LEU A 395 5.50 33.47 25.39
CA LEU A 395 5.19 32.05 25.33
C LEU A 395 5.85 31.31 26.49
N ARG A 396 5.08 30.43 27.15
CA ARG A 396 5.62 29.56 28.19
C ARG A 396 6.40 28.45 27.50
N SER A 397 7.72 28.55 27.53
CA SER A 397 8.60 27.60 26.88
C SER A 397 9.97 27.72 27.52
N GLY A 398 10.62 26.58 27.72
CA GLY A 398 11.94 26.57 28.32
C GLY A 398 13.09 26.68 27.35
N TRP A 399 12.84 26.81 26.04
CA TRP A 399 13.92 26.89 25.07
C TRP A 399 13.59 27.78 23.88
N LEU A 400 12.30 27.99 23.62
CA LEU A 400 11.85 28.91 22.57
C LEU A 400 11.50 30.25 23.20
N ASN A 401 11.97 31.33 22.60
CA ASN A 401 11.63 32.69 23.02
C ASN A 401 10.50 33.17 22.11
N GLY A 402 9.27 33.06 22.58
CA GLY A 402 8.11 33.27 21.74
C GLY A 402 7.27 34.45 22.17
N ILE A 403 6.58 35.05 21.20
CA ILE A 403 5.53 36.04 21.44
C ILE A 403 4.23 35.47 20.88
N LYS A 404 3.24 35.29 21.75
CA LYS A 404 1.96 34.74 21.30
C LYS A 404 1.10 35.80 20.63
N HIS A 405 1.05 37.00 21.19
CA HIS A 405 0.16 38.05 20.71
C HIS A 405 0.79 39.40 20.99
N TRP A 406 0.44 40.38 20.15
CA TRP A 406 0.96 41.73 20.33
C TRP A 406 0.03 42.70 19.59
N GLN A 407 -0.79 43.43 20.34
CA GLN A 407 -1.73 44.36 19.75
C GLN A 407 -1.01 45.61 19.30
N VAL A 408 -1.20 45.99 18.03
CA VAL A 408 -0.59 47.20 17.49
C VAL A 408 -1.61 47.93 16.65
N ASP A 409 -1.46 49.25 16.59
CA ASP A 409 -2.23 50.11 15.70
C ASP A 409 -1.36 50.32 14.47
N TYR A 410 -1.70 49.64 13.37
CA TYR A 410 -0.87 49.70 12.18
C TYR A 410 -0.79 51.11 11.60
N THR A 411 -1.76 51.96 11.91
CA THR A 411 -1.75 53.37 11.54
C THR A 411 -1.40 54.20 12.76
N GLY A 412 -1.30 55.52 12.55
CA GLY A 412 -0.77 56.39 13.60
C GLY A 412 -1.61 56.40 14.86
N ARG A 413 -2.92 56.28 14.73
CA ARG A 413 -3.82 56.60 15.83
C ARG A 413 -5.07 55.74 15.83
N SER B 4 -15.16 10.28 -14.26
CA SER B 4 -13.96 9.46 -14.08
C SER B 4 -14.32 8.18 -13.32
N PRO B 5 -13.72 7.06 -13.71
CA PRO B 5 -14.20 5.75 -13.25
C PRO B 5 -13.83 5.46 -11.80
N ASN B 6 -14.69 4.68 -11.15
CA ASN B 6 -14.49 4.27 -9.76
C ASN B 6 -13.41 3.19 -9.71
N LEU B 7 -12.16 3.65 -9.83
CA LEU B 7 -10.99 2.79 -9.77
C LEU B 7 -10.02 3.31 -8.72
N PRO B 8 -9.33 2.43 -8.00
CA PRO B 8 -8.35 2.90 -7.01
C PRO B 8 -7.24 3.67 -7.70
N PRO B 9 -6.63 4.63 -6.99
CA PRO B 9 -5.51 5.36 -7.60
C PRO B 9 -4.38 4.44 -8.02
N GLY B 10 -3.88 4.67 -9.24
CA GLY B 10 -2.72 3.97 -9.75
C GLY B 10 -3.01 2.68 -10.51
N PHE B 11 -4.24 2.20 -10.47
CA PHE B 11 -4.59 0.92 -11.09
C PHE B 11 -4.01 0.79 -12.48
N ASP B 12 -3.34 -0.34 -12.74
CA ASP B 12 -2.78 -0.63 -14.05
C ASP B 12 -3.35 -1.95 -14.54
N PHE B 13 -4.11 -1.89 -15.63
CA PHE B 13 -4.76 -3.09 -16.17
C PHE B 13 -3.79 -4.06 -16.82
N THR B 14 -2.50 -3.72 -16.89
CA THR B 14 -1.48 -4.65 -17.39
C THR B 14 -0.58 -5.16 -16.28
N ASP B 15 -0.90 -4.87 -15.02
CA ASP B 15 -0.05 -5.27 -13.90
C ASP B 15 -0.13 -6.79 -13.70
N PRO B 16 0.96 -7.54 -13.88
CA PRO B 16 0.87 -8.99 -13.70
C PRO B 16 0.36 -9.42 -12.33
N ALA B 17 0.61 -8.61 -11.30
CA ALA B 17 0.17 -8.98 -9.95
C ALA B 17 -1.33 -9.16 -9.88
N ILE B 18 -2.10 -8.36 -10.62
CA ILE B 18 -3.55 -8.54 -10.66
C ILE B 18 -3.88 -9.92 -11.21
N TYR B 19 -3.27 -10.28 -12.34
CA TYR B 19 -3.62 -11.51 -13.04
C TYR B 19 -3.09 -12.73 -12.34
N ALA B 20 -2.09 -12.59 -11.48
CA ALA B 20 -1.67 -13.70 -10.64
C ALA B 20 -2.77 -14.11 -9.66
N GLU B 21 -3.66 -13.18 -9.32
CA GLU B 21 -4.75 -13.43 -8.39
C GLU B 21 -6.09 -13.61 -9.08
N ARG B 22 -6.41 -12.78 -10.07
CA ARG B 22 -7.78 -12.75 -10.59
C ARG B 22 -7.78 -12.11 -11.97
N LEU B 23 -8.89 -12.28 -12.66
CA LEU B 23 -9.22 -11.47 -13.81
C LEU B 23 -9.99 -10.24 -13.34
N PRO B 24 -9.57 -9.02 -13.71
CA PRO B 24 -10.25 -7.82 -13.17
C PRO B 24 -11.57 -7.53 -13.87
N VAL B 25 -12.54 -8.44 -13.68
CA VAL B 25 -13.81 -8.35 -14.38
C VAL B 25 -14.56 -7.08 -13.99
N ALA B 26 -14.87 -6.94 -12.69
CA ALA B 26 -15.61 -5.78 -12.23
C ALA B 26 -14.93 -4.49 -12.63
N GLU B 27 -13.59 -4.46 -12.59
CA GLU B 27 -12.87 -3.25 -12.95
C GLU B 27 -13.01 -2.95 -14.45
N PHE B 28 -12.86 -3.97 -15.30
CA PHE B 28 -13.13 -3.79 -16.72
C PHE B 28 -14.56 -3.28 -16.92
N ALA B 29 -15.53 -3.91 -16.23
CA ALA B 29 -16.92 -3.48 -16.36
C ALA B 29 -17.08 -2.02 -15.99
N GLU B 30 -16.41 -1.58 -14.90
CA GLU B 30 -16.50 -0.19 -14.48
C GLU B 30 -16.03 0.76 -15.58
N LEU B 31 -14.99 0.35 -16.33
CA LEU B 31 -14.51 1.19 -17.42
C LEU B 31 -15.52 1.21 -18.57
N ARG B 32 -16.03 0.04 -18.96
CA ARG B 32 -17.02 0.00 -20.03
C ARG B 32 -18.21 0.91 -19.70
N SER B 33 -18.59 0.95 -18.43
CA SER B 33 -19.72 1.79 -18.02
C SER B 33 -19.34 3.26 -17.99
N ALA B 34 -18.22 3.59 -17.36
CA ALA B 34 -17.88 4.97 -17.03
C ALA B 34 -16.88 5.61 -17.99
N ALA B 35 -15.91 4.85 -18.49
CA ALA B 35 -14.88 5.40 -19.37
C ALA B 35 -14.40 4.33 -20.31
N PRO B 36 -15.16 4.06 -21.39
CA PRO B 36 -14.79 2.95 -22.28
C PRO B 36 -13.37 3.07 -22.83
N ILE B 37 -12.92 4.28 -23.13
CA ILE B 37 -11.52 4.55 -23.46
C ILE B 37 -10.97 5.43 -22.35
N TRP B 38 -9.91 4.94 -21.69
CA TRP B 38 -9.44 5.52 -20.45
C TRP B 38 -7.92 5.54 -20.45
N TRP B 39 -7.33 6.69 -20.16
CA TRP B 39 -5.88 6.77 -20.06
C TRP B 39 -5.42 6.03 -18.82
N ASN B 40 -4.60 4.99 -19.02
CA ASN B 40 -4.10 4.14 -17.96
C ASN B 40 -2.64 4.53 -17.72
N GLY B 41 -2.42 5.47 -16.80
CA GLY B 41 -1.08 5.99 -16.59
C GLY B 41 -0.16 4.98 -15.91
N GLN B 42 1.12 5.08 -16.24
CA GLN B 42 2.14 4.18 -15.72
C GLN B 42 3.30 4.99 -15.16
N ASP B 43 3.63 4.74 -13.89
CA ASP B 43 4.72 5.46 -13.26
C ASP B 43 6.05 5.13 -13.94
N PRO B 44 7.07 5.95 -13.71
CA PRO B 44 8.41 5.63 -14.25
C PRO B 44 8.89 4.28 -13.73
N GLY B 45 9.44 3.47 -14.64
CA GLY B 45 9.95 2.17 -14.28
C GLY B 45 8.90 1.10 -14.11
N LYS B 46 7.61 1.44 -14.23
CA LYS B 46 6.53 0.47 -14.09
C LYS B 46 5.74 0.33 -15.38
N GLY B 47 6.39 0.48 -16.52
CA GLY B 47 5.72 0.39 -17.80
C GLY B 47 5.95 -0.95 -18.49
N GLY B 48 6.27 -1.97 -17.70
CA GLY B 48 6.50 -3.30 -18.27
C GLY B 48 7.44 -3.30 -19.45
N GLY B 49 8.49 -2.47 -19.40
CA GLY B 49 9.44 -2.35 -20.48
C GLY B 49 9.24 -1.16 -21.37
N PHE B 50 8.11 -0.48 -21.26
CA PHE B 50 7.82 0.72 -22.05
C PHE B 50 7.90 1.95 -21.17
N HIS B 51 8.43 3.03 -21.72
CA HIS B 51 8.78 4.23 -20.97
C HIS B 51 8.14 5.46 -21.60
N ASP B 52 6.82 5.41 -21.80
CA ASP B 52 6.10 6.46 -22.50
C ASP B 52 4.98 7.08 -21.67
N GLY B 53 4.83 6.71 -20.40
CA GLY B 53 3.89 7.33 -19.51
C GLY B 53 2.59 6.57 -19.33
N GLY B 54 2.22 5.72 -20.26
CA GLY B 54 1.01 4.94 -20.14
C GLY B 54 0.46 4.57 -21.50
N PHE B 55 -0.79 4.12 -21.50
CA PHE B 55 -1.46 3.64 -22.70
C PHE B 55 -2.95 3.89 -22.57
N TRP B 56 -3.63 3.83 -23.71
CA TRP B 56 -5.09 3.93 -23.76
C TRP B 56 -5.69 2.55 -23.54
N ALA B 57 -6.52 2.42 -22.50
CA ALA B 57 -7.28 1.20 -22.29
C ALA B 57 -8.45 1.16 -23.25
N ILE B 58 -8.56 0.07 -24.01
CA ILE B 58 -9.65 -0.16 -24.95
C ILE B 58 -10.49 -1.30 -24.41
N THR B 59 -11.76 -1.02 -24.08
CA THR B 59 -12.60 -1.99 -23.40
C THR B 59 -13.87 -2.36 -24.14
N LYS B 60 -14.20 -1.69 -25.25
CA LYS B 60 -15.40 -1.99 -26.02
C LYS B 60 -15.03 -2.80 -27.26
N LEU B 61 -15.86 -3.80 -27.56
CA LEU B 61 -15.60 -4.67 -28.70
C LEU B 61 -15.49 -3.87 -29.99
N ASN B 62 -16.45 -2.96 -30.23
CA ASN B 62 -16.42 -2.17 -31.45
C ASN B 62 -15.11 -1.38 -31.58
N ASP B 63 -14.58 -0.91 -30.46
CA ASP B 63 -13.32 -0.17 -30.51
C ASP B 63 -12.14 -1.10 -30.81
N VAL B 64 -12.14 -2.29 -30.20
CA VAL B 64 -11.09 -3.27 -30.51
C VAL B 64 -11.14 -3.62 -31.99
N LYS B 65 -12.34 -3.84 -32.54
CA LYS B 65 -12.47 -4.17 -33.95
C LYS B 65 -11.96 -3.04 -34.83
N GLU B 66 -12.33 -1.81 -34.52
CA GLU B 66 -11.88 -0.67 -35.31
C GLU B 66 -10.35 -0.61 -35.36
N ILE B 67 -9.69 -0.75 -34.20
CA ILE B 67 -8.24 -0.67 -34.16
C ILE B 67 -7.62 -1.78 -34.98
N SER B 68 -8.18 -3.00 -34.90
CA SER B 68 -7.58 -4.13 -35.60
C SER B 68 -7.72 -3.98 -37.11
N ARG B 69 -8.84 -3.44 -37.57
CA ARG B 69 -9.03 -3.24 -39.01
C ARG B 69 -8.09 -2.17 -39.53
N HIS B 70 -7.91 -1.09 -38.77
CA HIS B 70 -7.05 0.02 -39.19
C HIS B 70 -5.61 -0.23 -38.77
N SER B 71 -5.05 -1.34 -39.27
CA SER B 71 -3.64 -1.62 -39.04
C SER B 71 -2.76 -0.57 -39.69
N ASP B 72 -3.23 0.05 -40.77
CA ASP B 72 -2.48 1.13 -41.41
C ASP B 72 -2.23 2.28 -40.43
N VAL B 73 -3.15 2.52 -39.51
CA VAL B 73 -2.95 3.55 -38.48
C VAL B 73 -2.30 2.95 -37.24
N PHE B 74 -2.75 1.78 -36.82
CA PHE B 74 -2.38 1.19 -35.53
C PHE B 74 -1.42 0.03 -35.78
N SER B 75 -0.16 0.25 -35.46
CA SER B 75 0.92 -0.64 -35.85
C SER B 75 1.20 -1.69 -34.79
N SER B 76 1.66 -2.85 -35.27
CA SER B 76 2.19 -3.91 -34.41
C SER B 76 3.72 -3.90 -34.35
N TYR B 77 4.36 -3.34 -35.37
CA TYR B 77 5.82 -3.32 -35.44
C TYR B 77 6.42 -2.34 -34.43
N GLU B 78 5.79 -1.17 -34.27
CA GLU B 78 6.46 -0.05 -33.60
C GLU B 78 6.88 -0.40 -32.18
N ASN B 79 6.02 -1.09 -31.43
CA ASN B 79 6.35 -1.48 -30.07
C ASN B 79 6.01 -2.95 -29.79
N GLY B 80 5.81 -3.74 -30.83
CA GLY B 80 5.28 -5.07 -30.66
C GLY B 80 3.86 -5.02 -30.13
N VAL B 81 3.27 -6.20 -29.96
CA VAL B 81 1.89 -6.31 -29.53
C VAL B 81 1.76 -6.83 -28.10
N ILE B 82 2.85 -7.29 -27.49
CA ILE B 82 2.83 -7.73 -26.09
C ILE B 82 2.89 -6.47 -25.22
N PRO B 83 1.90 -6.23 -24.36
CA PRO B 83 1.84 -4.97 -23.61
C PRO B 83 2.57 -4.97 -22.28
N ARG B 84 3.19 -6.08 -21.86
CA ARG B 84 3.81 -6.14 -20.55
C ARG B 84 4.98 -7.11 -20.57
N PHE B 85 6.14 -6.61 -20.14
CA PHE B 85 7.34 -7.40 -19.93
C PHE B 85 7.86 -7.13 -18.53
N LYS B 86 8.88 -7.88 -18.13
CA LYS B 86 9.57 -7.55 -16.88
C LYS B 86 10.06 -6.12 -16.97
N ASN B 87 10.00 -5.41 -15.84
CA ASN B 87 9.98 -3.94 -15.90
C ASN B 87 11.26 -3.38 -16.49
N ASP B 88 12.42 -3.94 -16.15
CA ASP B 88 13.70 -3.42 -16.65
C ASP B 88 14.23 -4.22 -17.83
N ILE B 89 13.37 -4.56 -18.78
CA ILE B 89 13.78 -5.31 -19.97
C ILE B 89 14.46 -4.36 -20.93
N ALA B 90 15.60 -4.78 -21.48
CA ALA B 90 16.28 -3.97 -22.47
C ALA B 90 15.37 -3.71 -23.67
N ARG B 91 15.57 -2.56 -24.31
CA ARG B 91 14.74 -2.20 -25.45
C ARG B 91 14.92 -3.18 -26.60
N GLU B 92 16.17 -3.55 -26.89
CA GLU B 92 16.43 -4.41 -28.03
C GLU B 92 15.75 -5.76 -27.88
N ASP B 93 15.64 -6.27 -26.65
CA ASP B 93 14.94 -7.52 -26.43
C ASP B 93 13.45 -7.41 -26.75
N ILE B 94 12.89 -6.19 -26.70
CA ILE B 94 11.55 -5.97 -27.25
C ILE B 94 11.61 -5.94 -28.77
N GLU B 95 12.62 -5.29 -29.33
CA GLU B 95 12.67 -5.08 -30.77
C GLU B 95 13.03 -6.35 -31.52
N VAL B 96 13.80 -7.24 -30.89
CA VAL B 96 14.13 -8.51 -31.53
C VAL B 96 12.88 -9.32 -31.82
N GLN B 97 11.79 -9.07 -31.10
CA GLN B 97 10.52 -9.75 -31.33
C GLN B 97 9.84 -9.28 -32.61
N ARG B 98 10.45 -8.38 -33.37
CA ARG B 98 9.93 -8.00 -34.67
C ARG B 98 10.21 -9.05 -35.74
N PHE B 99 11.06 -10.03 -35.43
CA PHE B 99 11.39 -11.07 -36.40
C PHE B 99 10.27 -12.09 -36.58
N VAL B 100 9.24 -12.06 -35.74
CA VAL B 100 8.06 -12.91 -35.92
C VAL B 100 6.99 -12.08 -36.62
N MET B 101 6.20 -12.74 -37.46
CA MET B 101 5.19 -12.08 -38.28
CA MET B 101 5.24 -12.00 -38.28
C MET B 101 4.19 -11.30 -37.42
N LEU B 102 3.93 -11.76 -36.20
CA LEU B 102 2.93 -11.11 -35.36
C LEU B 102 3.27 -9.65 -35.11
N ASN B 103 4.55 -9.30 -35.06
CA ASN B 103 5.00 -7.94 -34.80
C ASN B 103 5.51 -7.26 -36.07
N MET B 104 4.86 -7.54 -37.19
CA MET B 104 5.22 -6.94 -38.47
C MET B 104 4.02 -6.20 -39.04
N ASP B 105 4.32 -5.16 -39.81
CA ASP B 105 3.31 -4.39 -40.52
C ASP B 105 3.46 -4.62 -42.02
N ALA B 106 2.40 -4.33 -42.76
CA ALA B 106 2.51 -4.32 -44.21
C ALA B 106 3.67 -3.41 -44.61
N PRO B 107 4.40 -3.72 -45.68
CA PRO B 107 4.19 -4.85 -46.59
C PRO B 107 4.85 -6.16 -46.13
N HIS B 108 5.81 -6.07 -45.20
CA HIS B 108 6.52 -7.26 -44.74
C HIS B 108 5.55 -8.33 -44.26
N HIS B 109 4.57 -7.94 -43.44
CA HIS B 109 3.65 -8.90 -42.86
C HIS B 109 2.75 -9.53 -43.92
N THR B 110 2.34 -8.73 -44.92
CA THR B 110 1.43 -9.26 -45.93
C THR B 110 2.07 -10.38 -46.74
N ARG B 111 3.39 -10.34 -46.91
CA ARG B 111 4.06 -11.40 -47.66
C ARG B 111 4.10 -12.70 -46.87
N LEU B 112 4.63 -12.64 -45.64
CA LEU B 112 4.75 -13.86 -44.84
C LEU B 112 3.38 -14.48 -44.57
N ARG B 113 2.37 -13.65 -44.31
CA ARG B 113 1.02 -14.17 -44.09
C ARG B 113 0.53 -14.92 -45.32
N LYS B 114 0.78 -14.37 -46.51
CA LYS B 114 0.40 -15.04 -47.74
C LYS B 114 1.03 -16.42 -47.85
N ILE B 115 2.33 -16.51 -47.54
CA ILE B 115 3.03 -17.80 -47.63
C ILE B 115 2.53 -18.73 -46.53
N ILE B 116 2.42 -18.22 -45.31
CA ILE B 116 2.12 -19.09 -44.17
C ILE B 116 0.65 -19.53 -44.18
N SER B 117 -0.24 -18.70 -44.72
CA SER B 117 -1.65 -19.06 -44.78
C SER B 117 -1.87 -20.40 -45.49
N ARG B 118 -0.95 -20.80 -46.37
CA ARG B 118 -1.13 -22.05 -47.10
C ARG B 118 -1.01 -23.27 -46.20
N GLY B 119 -0.48 -23.11 -44.98
CA GLY B 119 -0.41 -24.17 -44.02
C GLY B 119 -1.52 -24.20 -43.00
N PHE B 120 -2.51 -23.31 -43.12
CA PHE B 120 -3.62 -23.24 -42.17
C PHE B 120 -4.95 -23.24 -42.91
N THR B 121 -4.98 -23.81 -44.11
CA THR B 121 -6.20 -23.93 -44.87
C THR B 121 -7.12 -24.97 -44.23
N PRO B 122 -8.41 -24.96 -44.57
CA PRO B 122 -9.30 -25.99 -44.02
C PRO B 122 -8.81 -27.41 -44.23
N ARG B 123 -8.22 -27.70 -45.39
CA ARG B 123 -7.74 -29.05 -45.65
C ARG B 123 -6.48 -29.34 -44.84
N ALA B 124 -5.52 -28.42 -44.84
CA ALA B 124 -4.29 -28.62 -44.07
C ALA B 124 -4.61 -28.93 -42.62
N VAL B 125 -5.52 -28.15 -42.02
CA VAL B 125 -5.95 -28.42 -40.67
C VAL B 125 -6.70 -29.75 -40.61
N GLY B 126 -7.64 -29.96 -41.53
CA GLY B 126 -8.38 -31.21 -41.55
C GLY B 126 -7.50 -32.44 -41.57
N ARG B 127 -6.35 -32.35 -42.24
CA ARG B 127 -5.43 -33.48 -42.33
C ARG B 127 -5.04 -33.99 -40.95
N LEU B 128 -4.93 -33.09 -39.98
CA LEU B 128 -4.50 -33.45 -38.63
C LEU B 128 -5.62 -33.97 -37.76
N HIS B 129 -6.84 -34.06 -38.29
CA HIS B 129 -8.00 -34.38 -37.45
C HIS B 129 -7.86 -35.75 -36.79
N ASP B 130 -7.46 -36.76 -37.57
CA ASP B 130 -7.46 -38.13 -37.05
C ASP B 130 -6.37 -38.33 -36.00
N GLU B 131 -5.14 -37.91 -36.30
CA GLU B 131 -4.07 -38.10 -35.34
C GLU B 131 -4.31 -37.33 -34.05
N LEU B 132 -4.97 -36.18 -34.14
CA LEU B 132 -5.27 -35.40 -32.94
C LEU B 132 -6.45 -35.97 -32.18
N GLN B 133 -7.46 -36.45 -32.89
CA GLN B 133 -8.58 -37.14 -32.24
C GLN B 133 -8.08 -38.38 -31.53
N GLU B 134 -7.26 -39.17 -32.21
CA GLU B 134 -6.66 -40.34 -31.58
C GLU B 134 -5.86 -39.96 -30.34
N ARG B 135 -5.06 -38.90 -30.45
CA ARG B 135 -4.28 -38.45 -29.29
C ARG B 135 -5.18 -37.92 -28.18
N ALA B 136 -6.24 -37.19 -28.54
CA ALA B 136 -7.14 -36.64 -27.53
C ALA B 136 -7.82 -37.75 -26.75
N GLN B 137 -8.33 -38.77 -27.45
CA GLN B 137 -8.92 -39.91 -26.78
C GLN B 137 -7.91 -40.57 -25.84
N LYS B 138 -6.65 -40.65 -26.28
CA LYS B 138 -5.63 -41.31 -25.46
C LYS B 138 -5.30 -40.48 -24.22
N ILE B 139 -5.22 -39.15 -24.41
CA ILE B 139 -4.98 -38.26 -23.28
C ILE B 139 -6.10 -38.40 -22.25
N ALA B 140 -7.35 -38.33 -22.72
CA ALA B 140 -8.49 -38.37 -21.80
C ALA B 140 -8.58 -39.71 -21.08
N ALA B 141 -8.31 -40.81 -21.79
CA ALA B 141 -8.33 -42.12 -21.15
C ALA B 141 -7.27 -42.22 -20.06
N GLU B 142 -6.04 -41.82 -20.37
CA GLU B 142 -4.96 -41.91 -19.39
C GLU B 142 -5.24 -41.04 -18.18
N ALA B 143 -5.91 -39.90 -18.37
CA ALA B 143 -6.26 -39.05 -17.23
C ALA B 143 -7.38 -39.68 -16.41
N ALA B 144 -8.44 -40.13 -17.08
CA ALA B 144 -9.52 -40.81 -16.36
C ALA B 144 -8.98 -41.98 -15.55
N ALA B 145 -7.95 -42.66 -16.05
CA ALA B 145 -7.40 -43.82 -15.38
C ALA B 145 -6.54 -43.44 -14.18
N ALA B 146 -5.94 -42.24 -14.19
CA ALA B 146 -5.21 -41.76 -13.02
C ALA B 146 -6.15 -41.42 -11.87
N GLY B 147 -7.43 -41.23 -12.14
CA GLY B 147 -8.40 -40.90 -11.10
C GLY B 147 -8.48 -39.43 -10.75
N SER B 148 -7.34 -38.80 -10.44
CA SER B 148 -7.30 -37.38 -10.13
C SER B 148 -5.92 -36.87 -10.50
N GLY B 149 -5.78 -35.55 -10.48
CA GLY B 149 -4.50 -34.93 -10.74
C GLY B 149 -4.67 -33.55 -11.35
N ASP B 150 -3.57 -33.05 -11.91
CA ASP B 150 -3.50 -31.68 -12.42
C ASP B 150 -4.04 -31.65 -13.85
N PHE B 151 -5.25 -31.11 -13.99
CA PHE B 151 -5.92 -31.07 -15.29
C PHE B 151 -5.09 -30.32 -16.32
N VAL B 152 -4.39 -29.26 -15.90
CA VAL B 152 -3.55 -28.52 -16.84
C VAL B 152 -2.52 -29.45 -17.46
N GLU B 153 -1.80 -30.21 -16.63
CA GLU B 153 -0.73 -31.06 -17.12
C GLU B 153 -1.29 -32.27 -17.88
N GLN B 154 -2.33 -32.89 -17.32
CA GLN B 154 -2.77 -34.20 -17.81
C GLN B 154 -3.79 -34.13 -18.94
N VAL B 155 -4.41 -32.97 -19.17
CA VAL B 155 -5.41 -32.85 -20.23
C VAL B 155 -5.11 -31.69 -21.16
N SER B 156 -4.80 -30.52 -20.59
CA SER B 156 -4.73 -29.31 -21.41
C SER B 156 -3.41 -29.17 -22.16
N CYS B 157 -2.30 -29.64 -21.57
CA CYS B 157 -0.99 -29.20 -22.02
C CYS B 157 -0.56 -29.85 -23.33
N GLU B 158 -0.86 -31.13 -23.54
CA GLU B 158 -0.17 -31.88 -24.59
C GLU B 158 -0.80 -31.66 -25.96
N LEU B 159 -2.12 -31.72 -26.07
CA LEU B 159 -2.73 -31.70 -27.40
C LEU B 159 -2.35 -30.47 -28.22
N PRO B 160 -2.31 -29.26 -27.67
CA PRO B 160 -1.81 -28.13 -28.46
C PRO B 160 -0.39 -28.32 -28.95
N LEU B 161 0.46 -28.94 -28.13
CA LEU B 161 1.84 -29.19 -28.55
C LEU B 161 1.90 -30.26 -29.63
N GLN B 162 0.99 -31.25 -29.58
CA GLN B 162 0.93 -32.24 -30.64
C GLN B 162 0.37 -31.65 -31.93
N ALA B 163 -0.56 -30.70 -31.81
CA ALA B 163 -1.06 -30.03 -33.00
C ALA B 163 0.06 -29.30 -33.73
N ILE B 164 0.95 -28.65 -32.98
CA ILE B 164 2.07 -27.95 -33.61
C ILE B 164 3.04 -28.94 -34.22
N ALA B 165 3.35 -30.03 -33.51
CA ALA B 165 4.29 -31.02 -34.03
C ALA B 165 3.74 -31.70 -35.27
N GLY B 166 2.44 -32.00 -35.29
CA GLY B 166 1.86 -32.60 -36.48
C GLY B 166 1.85 -31.63 -37.66
N LEU B 167 1.38 -30.41 -37.41
CA LEU B 167 1.45 -29.35 -38.42
C LEU B 167 2.83 -29.29 -39.06
N LEU B 168 3.88 -29.41 -38.25
CA LEU B 168 5.25 -29.27 -38.71
C LEU B 168 5.88 -30.58 -39.15
N GLY B 169 5.26 -31.71 -38.85
CA GLY B 169 5.84 -33.00 -39.20
C GLY B 169 7.06 -33.35 -38.37
N VAL B 170 7.14 -32.85 -37.14
CA VAL B 170 8.28 -33.16 -36.28
C VAL B 170 8.31 -34.65 -35.98
N PRO B 171 9.42 -35.35 -36.22
CA PRO B 171 9.48 -36.77 -35.85
C PRO B 171 9.19 -36.95 -34.36
N GLN B 172 8.64 -38.13 -34.03
CA GLN B 172 8.22 -38.37 -32.66
C GLN B 172 9.38 -38.23 -31.69
N GLU B 173 10.59 -38.65 -32.11
CA GLU B 173 11.74 -38.60 -31.21
C GLU B 173 12.17 -37.18 -30.88
N ASP B 174 11.79 -36.20 -31.70
CA ASP B 174 12.17 -34.81 -31.49
C ASP B 174 11.12 -34.01 -30.75
N ARG B 175 9.91 -34.53 -30.61
CA ARG B 175 8.84 -33.75 -29.99
C ARG B 175 9.14 -33.43 -28.53
N GLY B 176 9.96 -34.25 -27.88
CA GLY B 176 10.37 -33.98 -26.52
C GLY B 176 11.06 -32.64 -26.36
N LYS B 177 12.15 -32.43 -27.10
CA LYS B 177 12.87 -31.16 -26.98
C LYS B 177 12.10 -30.01 -27.61
N LEU B 178 11.33 -30.27 -28.68
CA LEU B 178 10.44 -29.25 -29.21
C LEU B 178 9.49 -28.76 -28.12
N PHE B 179 8.82 -29.69 -27.43
CA PHE B 179 7.86 -29.31 -26.40
C PHE B 179 8.52 -28.53 -25.27
N HIS B 180 9.78 -28.86 -24.95
CA HIS B 180 10.44 -28.24 -23.81
C HIS B 180 10.63 -26.75 -24.05
N TRP B 181 11.22 -26.38 -25.18
CA TRP B 181 11.48 -24.97 -25.45
C TRP B 181 10.22 -24.22 -25.83
N SER B 182 9.24 -24.91 -26.42
CA SER B 182 7.98 -24.26 -26.76
C SER B 182 7.23 -23.79 -25.51
N ASN B 183 7.44 -24.47 -24.39
CA ASN B 183 6.76 -24.11 -23.14
C ASN B 183 7.52 -23.04 -22.36
N GLU B 184 8.72 -22.67 -22.80
CA GLU B 184 9.52 -21.64 -22.15
C GLU B 184 9.69 -20.44 -23.08
N MET B 185 8.61 -20.12 -23.80
CA MET B 185 8.51 -18.90 -24.58
C MET B 185 7.72 -17.82 -23.86
N THR B 186 6.88 -18.22 -22.91
CA THR B 186 6.10 -17.30 -22.09
C THR B 186 5.98 -17.91 -20.69
N GLY B 187 5.56 -17.09 -19.73
CA GLY B 187 5.53 -17.48 -18.35
C GLY B 187 6.71 -16.97 -17.53
N ASN B 188 7.59 -16.18 -18.15
CA ASN B 188 8.82 -15.76 -17.49
C ASN B 188 8.55 -15.07 -16.15
N GLU B 189 7.49 -14.27 -16.09
CA GLU B 189 7.27 -13.38 -14.96
C GLU B 189 6.63 -14.06 -13.76
N ASP B 190 6.36 -15.36 -13.84
CA ASP B 190 5.81 -16.06 -12.68
C ASP B 190 6.94 -16.69 -11.86
N PRO B 191 6.86 -16.69 -10.52
CA PRO B 191 7.96 -17.26 -9.74
C PRO B 191 8.22 -18.72 -10.02
N GLU B 192 7.17 -19.50 -10.30
CA GLU B 192 7.35 -20.90 -10.65
C GLU B 192 8.27 -21.07 -11.85
N TYR B 193 8.31 -20.07 -12.74
CA TYR B 193 9.06 -20.17 -13.98
C TYR B 193 10.15 -19.10 -14.08
N ALA B 194 10.68 -18.67 -12.93
CA ALA B 194 11.72 -17.65 -12.94
C ALA B 194 12.94 -18.08 -13.75
N HIS B 195 13.14 -19.39 -13.93
CA HIS B 195 14.33 -19.90 -14.59
C HIS B 195 14.29 -19.77 -16.11
N ILE B 196 13.10 -19.70 -16.71
CA ILE B 196 13.02 -19.76 -18.16
C ILE B 196 13.57 -18.47 -18.77
N ASP B 197 14.18 -18.61 -19.94
CA ASP B 197 14.85 -17.51 -20.64
C ASP B 197 14.39 -17.56 -22.09
N PRO B 198 13.36 -16.77 -22.45
CA PRO B 198 12.82 -16.84 -23.82
C PRO B 198 13.89 -16.67 -24.89
N LYS B 199 15.02 -16.04 -24.52
CA LYS B 199 16.11 -15.89 -25.48
C LYS B 199 16.77 -17.23 -25.78
N ALA B 200 17.03 -18.03 -24.75
CA ALA B 200 17.60 -19.35 -24.96
C ALA B 200 16.62 -20.26 -25.69
N SER B 201 15.34 -20.22 -25.29
CA SER B 201 14.32 -21.03 -25.95
C SER B 201 14.30 -20.77 -27.46
N SER B 202 14.30 -19.49 -27.85
CA SER B 202 14.22 -19.16 -29.28
C SER B 202 15.46 -19.63 -30.02
N ALA B 203 16.63 -19.49 -29.41
CA ALA B 203 17.84 -20.03 -30.00
C ALA B 203 17.68 -21.52 -30.32
N GLU B 204 17.15 -22.28 -29.36
CA GLU B 204 17.02 -23.72 -29.55
C GLU B 204 15.97 -24.04 -30.60
N LEU B 205 14.81 -23.39 -30.55
CA LEU B 205 13.77 -23.65 -31.54
C LEU B 205 14.23 -23.27 -32.93
N ILE B 206 15.03 -22.21 -33.05
CA ILE B 206 15.49 -21.76 -34.36
C ILE B 206 16.53 -22.72 -34.92
N GLY B 207 17.43 -23.22 -34.06
CA GLY B 207 18.41 -24.18 -34.52
C GLY B 207 17.79 -25.45 -35.05
N TYR B 208 16.79 -25.98 -34.32
CA TYR B 208 16.11 -27.18 -34.79
C TYR B 208 15.35 -26.90 -36.09
N ALA B 209 14.66 -25.77 -36.17
CA ALA B 209 13.88 -25.45 -37.36
C ALA B 209 14.76 -25.38 -38.59
N MET B 210 15.91 -24.72 -38.50
CA MET B 210 16.82 -24.65 -39.64
C MET B 210 17.38 -26.02 -39.98
N LYS B 211 17.65 -26.85 -38.97
CA LYS B 211 17.99 -28.25 -39.22
C LYS B 211 16.87 -28.92 -39.99
N MET B 212 15.63 -28.72 -39.56
CA MET B 212 14.49 -29.28 -40.28
C MET B 212 14.35 -28.67 -41.67
N ALA B 213 14.73 -27.40 -41.82
CA ALA B 213 14.65 -26.76 -43.13
C ALA B 213 15.71 -27.32 -44.08
N GLU B 214 16.97 -27.33 -43.63
CA GLU B 214 18.02 -27.95 -44.43
C GLU B 214 17.67 -29.38 -44.78
N GLU B 215 17.06 -30.11 -43.83
CA GLU B 215 16.81 -31.53 -44.03
C GLU B 215 15.68 -31.77 -45.02
N LYS B 216 14.60 -30.99 -44.92
CA LYS B 216 13.50 -31.15 -45.88
C LYS B 216 13.86 -30.57 -47.24
N ALA B 217 14.83 -29.67 -47.32
CA ALA B 217 15.30 -29.20 -48.62
C ALA B 217 15.99 -30.33 -49.37
N LYS B 218 16.69 -31.21 -48.66
CA LYS B 218 17.35 -32.35 -49.30
C LYS B 218 16.39 -33.50 -49.54
N ASN B 219 15.36 -33.64 -48.71
CA ASN B 219 14.40 -34.75 -48.78
C ASN B 219 12.99 -34.19 -48.86
N PRO B 220 12.62 -33.59 -49.98
CA PRO B 220 11.26 -33.03 -50.10
C PRO B 220 10.20 -34.12 -49.96
N ALA B 221 9.22 -33.84 -49.10
CA ALA B 221 8.06 -34.72 -48.94
C ALA B 221 6.79 -33.95 -49.29
N ASP B 222 5.64 -34.48 -48.89
CA ASP B 222 4.37 -33.77 -49.07
C ASP B 222 3.80 -33.37 -47.72
N ASP B 223 4.54 -32.53 -46.99
CA ASP B 223 4.06 -31.94 -45.75
C ASP B 223 4.12 -30.42 -45.90
N ILE B 224 3.93 -29.71 -44.79
CA ILE B 224 3.80 -28.26 -44.84
C ILE B 224 5.16 -27.58 -44.82
N VAL B 225 6.13 -28.12 -44.08
CA VAL B 225 7.45 -27.50 -44.03
C VAL B 225 8.07 -27.49 -45.42
N THR B 226 7.81 -28.52 -46.22
CA THR B 226 8.33 -28.54 -47.59
C THR B 226 7.70 -27.43 -48.43
N GLN B 227 6.39 -27.22 -48.29
CA GLN B 227 5.72 -26.18 -49.07
C GLN B 227 6.17 -24.79 -48.66
N LEU B 228 6.51 -24.59 -47.39
CA LEU B 228 6.88 -23.26 -46.93
C LEU B 228 8.21 -22.81 -47.52
N ILE B 229 9.16 -23.73 -47.68
CA ILE B 229 10.50 -23.38 -48.14
C ILE B 229 10.70 -23.72 -49.61
N GLN B 230 9.64 -24.11 -50.32
CA GLN B 230 9.70 -24.30 -51.77
C GLN B 230 9.01 -23.11 -52.44
N ALA B 231 9.64 -22.61 -53.50
CA ALA B 231 9.09 -21.47 -54.23
C ALA B 231 7.74 -21.84 -54.84
N ASP B 232 6.75 -20.98 -54.62
CA ASP B 232 5.44 -21.16 -55.25
C ASP B 232 5.52 -20.66 -56.69
N ILE B 233 4.37 -20.58 -57.37
CA ILE B 233 4.36 -20.11 -58.75
C ILE B 233 4.79 -18.65 -58.87
N ASP B 234 4.82 -17.92 -57.75
CA ASP B 234 5.28 -16.54 -57.74
C ASP B 234 6.71 -16.43 -57.22
N GLY B 235 7.45 -17.54 -57.20
CA GLY B 235 8.82 -17.51 -56.71
C GLY B 235 8.96 -17.10 -55.27
N GLU B 236 7.91 -17.20 -54.48
CA GLU B 236 7.91 -16.77 -53.09
C GLU B 236 8.09 -17.98 -52.17
N LYS B 237 8.72 -17.73 -51.01
CA LYS B 237 9.01 -18.80 -50.06
C LYS B 237 9.61 -18.25 -48.78
N LEU B 238 9.37 -18.93 -47.66
CA LEU B 238 10.07 -18.63 -46.43
C LEU B 238 11.55 -18.93 -46.59
N SER B 239 12.40 -18.00 -46.14
CA SER B 239 13.81 -18.31 -45.99
C SER B 239 14.00 -19.27 -44.81
N ASP B 240 15.22 -19.79 -44.68
CA ASP B 240 15.52 -20.64 -43.52
C ASP B 240 15.37 -19.85 -42.23
N ASP B 241 15.89 -18.63 -42.20
CA ASP B 241 15.61 -17.74 -41.08
C ASP B 241 14.12 -17.63 -40.82
N GLU B 242 13.35 -17.27 -41.86
CA GLU B 242 11.92 -17.05 -41.67
C GLU B 242 11.21 -18.31 -41.19
N PHE B 243 11.65 -19.49 -41.64
CA PHE B 243 11.07 -20.72 -41.12
C PHE B 243 11.31 -20.82 -39.61
N GLY B 244 12.54 -20.54 -39.17
CA GLY B 244 12.82 -20.53 -37.75
C GLY B 244 11.87 -19.64 -36.98
N PHE B 245 11.68 -18.41 -37.46
CA PHE B 245 10.81 -17.47 -36.77
C PHE B 245 9.34 -17.90 -36.85
N PHE B 246 8.97 -18.62 -37.91
CA PHE B 246 7.64 -19.23 -37.95
C PHE B 246 7.47 -20.22 -36.82
N VAL B 247 8.47 -21.09 -36.61
CA VAL B 247 8.39 -22.09 -35.54
C VAL B 247 8.27 -21.40 -34.18
N VAL B 248 9.12 -20.40 -33.93
CA VAL B 248 9.04 -19.66 -32.67
C VAL B 248 7.64 -19.08 -32.50
N MET B 249 7.12 -18.44 -33.55
CA MET B 249 5.80 -17.83 -33.49
CA MET B 249 5.82 -17.81 -33.42
C MET B 249 4.74 -18.81 -32.99
N LEU B 250 4.74 -20.00 -33.58
CA LEU B 250 3.74 -21.00 -33.19
C LEU B 250 3.80 -21.27 -31.69
N ALA B 251 5.01 -21.39 -31.15
CA ALA B 251 5.14 -21.62 -29.72
C ALA B 251 4.63 -20.44 -28.91
N VAL B 252 4.72 -19.23 -29.46
CA VAL B 252 4.31 -18.03 -28.74
C VAL B 252 2.79 -17.89 -28.74
N ALA B 253 2.15 -18.15 -29.88
CA ALA B 253 0.74 -17.85 -30.07
C ALA B 253 -0.17 -19.07 -30.10
N GLY B 254 0.37 -20.27 -30.26
CA GLY B 254 -0.46 -21.45 -30.47
C GLY B 254 -0.33 -22.54 -29.43
N ASN B 255 0.47 -22.30 -28.39
CA ASN B 255 0.70 -23.31 -27.37
C ASN B 255 -0.11 -23.01 -26.11
N GLU B 256 0.37 -22.07 -25.30
CA GLU B 256 -0.31 -21.77 -24.05
C GLU B 256 -1.73 -21.25 -24.28
N THR B 257 -1.98 -20.56 -25.39
CA THR B 257 -3.32 -20.04 -25.64
C THR B 257 -4.35 -21.15 -25.67
N THR B 258 -4.14 -22.14 -26.55
CA THR B 258 -5.08 -23.25 -26.64
C THR B 258 -5.15 -24.01 -25.32
N ARG B 259 -3.99 -24.30 -24.72
CA ARG B 259 -3.98 -24.95 -23.42
C ARG B 259 -4.91 -24.26 -22.44
N ASN B 260 -4.80 -22.93 -22.35
CA ASN B 260 -5.58 -22.20 -21.35
C ASN B 260 -7.05 -22.10 -21.74
N SER B 261 -7.37 -22.19 -23.03
CA SER B 261 -8.77 -22.28 -23.41
C SER B 261 -9.37 -23.61 -22.99
N ILE B 262 -8.55 -24.67 -22.97
CA ILE B 262 -9.04 -25.97 -22.53
C ILE B 262 -9.27 -25.96 -21.02
N THR B 263 -8.29 -25.46 -20.25
CA THR B 263 -8.43 -25.44 -18.81
C THR B 263 -9.63 -24.59 -18.38
N GLN B 264 -9.71 -23.37 -18.90
CA GLN B 264 -10.79 -22.47 -18.50
C GLN B 264 -12.13 -22.84 -19.13
N GLY B 265 -12.11 -23.54 -20.27
CA GLY B 265 -13.36 -24.10 -20.78
C GLY B 265 -13.92 -25.16 -19.85
N MET B 266 -13.06 -25.99 -19.26
CA MET B 266 -13.52 -26.97 -18.29
C MET B 266 -13.91 -26.30 -16.97
N MET B 267 -13.23 -25.23 -16.60
CA MET B 267 -13.64 -24.47 -15.42
C MET B 267 -15.05 -23.90 -15.61
N ALA B 268 -15.34 -23.39 -16.81
CA ALA B 268 -16.69 -22.91 -17.10
C ALA B 268 -17.70 -24.04 -17.01
N PHE B 269 -17.39 -25.18 -17.63
CA PHE B 269 -18.26 -26.34 -17.53
C PHE B 269 -18.48 -26.74 -16.07
N ALA B 270 -17.44 -26.61 -15.25
CA ALA B 270 -17.56 -27.00 -13.85
C ALA B 270 -18.51 -26.08 -13.09
N GLU B 271 -18.45 -24.77 -13.36
CA GLU B 271 -19.31 -23.83 -12.68
CA GLU B 271 -19.30 -23.81 -12.69
C GLU B 271 -20.66 -23.65 -13.37
N HIS B 272 -20.92 -24.37 -14.47
CA HIS B 272 -22.19 -24.32 -15.17
C HIS B 272 -22.58 -25.73 -15.57
N PRO B 273 -23.05 -26.54 -14.63
CA PRO B 273 -23.32 -27.95 -14.94
C PRO B 273 -24.36 -28.13 -16.04
N ASP B 274 -25.32 -27.23 -16.17
CA ASP B 274 -26.32 -27.34 -17.23
C ASP B 274 -25.66 -27.26 -18.60
N GLN B 275 -24.60 -26.47 -18.73
CA GLN B 275 -23.89 -26.39 -20.00
C GLN B 275 -22.99 -27.61 -20.23
N TRP B 276 -22.50 -28.23 -19.16
CA TRP B 276 -21.68 -29.42 -19.31
C TRP B 276 -22.54 -30.61 -19.72
N GLU B 277 -23.70 -30.78 -19.08
CA GLU B 277 -24.66 -31.76 -19.54
C GLU B 277 -25.00 -31.51 -21.01
N LEU B 278 -25.46 -30.30 -21.33
CA LEU B 278 -25.81 -30.00 -22.72
C LEU B 278 -24.68 -30.35 -23.67
N TYR B 279 -23.44 -30.08 -23.29
CA TYR B 279 -22.33 -30.43 -24.17
C TYR B 279 -22.20 -31.94 -24.31
N LYS B 280 -22.27 -32.67 -23.20
CA LYS B 280 -22.08 -34.11 -23.26
C LYS B 280 -23.12 -34.76 -24.17
N LYS B 281 -24.34 -34.22 -24.19
CA LYS B 281 -25.41 -34.83 -24.96
C LYS B 281 -25.38 -34.38 -26.42
N VAL B 282 -25.03 -33.11 -26.68
CA VAL B 282 -25.17 -32.53 -27.99
C VAL B 282 -23.84 -32.35 -28.72
N ARG B 283 -22.76 -32.09 -28.00
CA ARG B 283 -21.44 -31.86 -28.60
C ARG B 283 -21.54 -30.83 -29.74
N PRO B 284 -22.08 -29.64 -29.47
CA PRO B 284 -22.22 -28.66 -30.55
C PRO B 284 -20.88 -28.03 -30.89
N GLU B 285 -20.68 -27.78 -32.19
CA GLU B 285 -19.44 -27.19 -32.65
C GLU B 285 -19.34 -25.70 -32.34
N THR B 286 -20.45 -25.06 -31.94
CA THR B 286 -20.39 -23.68 -31.47
C THR B 286 -19.72 -23.57 -30.10
N ALA B 287 -19.56 -24.68 -29.39
CA ALA B 287 -19.00 -24.62 -28.04
C ALA B 287 -17.58 -24.09 -28.04
N ALA B 288 -16.80 -24.42 -29.07
CA ALA B 288 -15.41 -23.98 -29.11
C ALA B 288 -15.31 -22.46 -29.05
N ASP B 289 -16.17 -21.75 -29.78
CA ASP B 289 -16.09 -20.29 -29.80
C ASP B 289 -16.50 -19.70 -28.46
N GLU B 290 -17.53 -20.26 -27.82
CA GLU B 290 -17.92 -19.77 -26.50
C GLU B 290 -16.84 -20.07 -25.48
N ILE B 291 -16.17 -21.22 -25.62
CA ILE B 291 -15.06 -21.55 -24.73
C ILE B 291 -13.94 -20.53 -24.91
N VAL B 292 -13.66 -20.13 -26.15
CA VAL B 292 -12.61 -19.16 -26.38
C VAL B 292 -13.03 -17.79 -25.86
N ARG B 293 -14.30 -17.42 -26.03
CA ARG B 293 -14.78 -16.16 -25.49
C ARG B 293 -14.64 -16.15 -23.97
N TRP B 294 -15.12 -17.21 -23.31
CA TRP B 294 -15.05 -17.26 -21.86
C TRP B 294 -13.61 -17.28 -21.37
N ALA B 295 -12.74 -18.00 -22.07
CA ALA B 295 -11.37 -18.15 -21.61
C ALA B 295 -10.50 -16.96 -21.97
N THR B 296 -10.80 -16.29 -23.11
CA THR B 296 -10.00 -15.19 -23.66
C THR B 296 -8.53 -15.40 -23.28
N PRO B 297 -7.87 -16.41 -23.85
CA PRO B 297 -6.51 -16.75 -23.40
C PRO B 297 -5.53 -15.60 -23.54
N VAL B 298 -5.72 -14.71 -24.51
CA VAL B 298 -4.92 -13.49 -24.62
C VAL B 298 -5.76 -12.36 -24.01
N THR B 299 -5.37 -11.91 -22.82
CA THR B 299 -6.09 -10.84 -22.17
C THR B 299 -6.07 -9.57 -23.02
N ALA B 300 -4.93 -9.26 -23.62
CA ALA B 300 -4.80 -7.98 -24.31
C ALA B 300 -3.57 -7.99 -25.21
N PHE B 301 -3.73 -7.44 -26.41
CA PHE B 301 -2.64 -7.10 -27.31
C PHE B 301 -2.69 -5.60 -27.57
N GLN B 302 -1.55 -5.03 -27.97
CA GLN B 302 -1.42 -3.59 -28.11
C GLN B 302 -1.05 -3.21 -29.54
N ARG B 303 -1.28 -1.94 -29.86
CA ARG B 303 -0.79 -1.33 -31.09
C ARG B 303 -0.30 0.08 -30.77
N THR B 304 0.46 0.65 -31.70
CA THR B 304 0.98 2.01 -31.58
C THR B 304 0.46 2.84 -32.74
N ALA B 305 -0.09 4.01 -32.43
CA ALA B 305 -0.65 4.88 -33.47
C ALA B 305 0.46 5.48 -34.30
N LEU B 306 0.38 5.29 -35.62
CA LEU B 306 1.33 5.88 -36.55
C LEU B 306 0.97 7.33 -36.91
N ARG B 307 -0.13 7.84 -36.36
CA ARG B 307 -0.54 9.23 -36.55
C ARG B 307 -1.62 9.51 -35.51
N ASP B 308 -2.01 10.77 -35.39
CA ASP B 308 -3.18 11.11 -34.61
C ASP B 308 -4.38 10.32 -35.13
N TYR B 309 -5.36 10.09 -34.26
CA TYR B 309 -6.54 9.34 -34.65
C TYR B 309 -7.64 9.56 -33.62
N GLU B 310 -8.85 9.83 -34.09
CA GLU B 310 -10.02 9.98 -33.23
C GLU B 310 -10.78 8.67 -33.19
N LEU B 311 -11.04 8.18 -31.98
CA LEU B 311 -11.63 6.86 -31.78
C LEU B 311 -12.72 6.98 -30.73
N SER B 312 -13.97 6.75 -31.14
CA SER B 312 -15.13 6.85 -30.25
C SER B 312 -15.06 8.14 -29.43
N GLY B 313 -14.80 9.24 -30.11
CA GLY B 313 -14.75 10.53 -29.48
C GLY B 313 -13.57 10.75 -28.57
N VAL B 314 -12.41 10.17 -28.90
CA VAL B 314 -11.19 10.32 -28.11
C VAL B 314 -10.02 10.48 -29.06
N GLN B 315 -9.11 11.39 -28.71
CA GLN B 315 -7.99 11.74 -29.59
C GLN B 315 -6.78 10.90 -29.22
N ILE B 316 -6.47 9.89 -30.04
CA ILE B 316 -5.23 9.14 -29.91
C ILE B 316 -4.14 9.93 -30.64
N LYS B 317 -3.02 10.17 -29.96
CA LYS B 317 -1.92 10.93 -30.53
C LYS B 317 -0.84 9.98 -31.05
N LYS B 318 -0.12 10.45 -32.07
CA LYS B 318 0.89 9.63 -32.71
C LYS B 318 1.90 9.13 -31.68
N GLY B 319 2.38 7.89 -31.90
CA GLY B 319 3.33 7.27 -31.00
C GLY B 319 2.74 6.71 -29.73
N GLN B 320 1.47 6.98 -29.45
CA GLN B 320 0.82 6.48 -28.25
C GLN B 320 0.41 5.02 -28.43
N ARG B 321 0.38 4.29 -27.32
CA ARG B 321 -0.05 2.90 -27.32
C ARG B 321 -1.52 2.80 -26.98
N VAL B 322 -2.22 1.90 -27.68
CA VAL B 322 -3.55 1.45 -27.31
C VAL B 322 -3.45 -0.02 -26.95
N VAL B 323 -4.12 -0.42 -25.89
CA VAL B 323 -4.12 -1.81 -25.43
C VAL B 323 -5.54 -2.34 -25.59
N MET B 324 -5.72 -3.25 -26.54
CA MET B 324 -7.00 -3.88 -26.78
C MET B 324 -7.23 -4.96 -25.74
N PHE B 325 -8.18 -4.74 -24.84
CA PHE B 325 -8.46 -5.70 -23.78
C PHE B 325 -9.57 -6.62 -24.26
N TYR B 326 -9.18 -7.72 -24.91
CA TYR B 326 -10.14 -8.72 -25.35
C TYR B 326 -10.98 -9.23 -24.19
N ARG B 327 -10.39 -9.33 -22.99
CA ARG B 327 -11.13 -9.81 -21.82
C ARG B 327 -12.31 -8.91 -21.51
N SER B 328 -12.20 -7.61 -21.77
CA SER B 328 -13.34 -6.73 -21.63
C SER B 328 -14.26 -6.82 -22.83
N ALA B 329 -13.70 -6.71 -24.04
CA ALA B 329 -14.51 -6.75 -25.26
C ALA B 329 -15.43 -7.97 -25.28
N ASN B 330 -14.91 -9.13 -24.88
CA ASN B 330 -15.68 -10.37 -24.96
C ASN B 330 -16.82 -10.43 -23.97
N PHE B 331 -16.95 -9.44 -23.10
CA PHE B 331 -18.10 -9.32 -22.20
C PHE B 331 -18.77 -7.96 -22.34
N ASP B 332 -18.60 -7.34 -23.50
CA ASP B 332 -19.27 -6.08 -23.81
C ASP B 332 -20.79 -6.26 -23.75
N GLU B 333 -21.43 -5.53 -22.83
CA GLU B 333 -22.87 -5.67 -22.65
C GLU B 333 -23.66 -5.17 -23.86
N GLU B 334 -23.09 -4.27 -24.67
CA GLU B 334 -23.81 -3.73 -25.81
C GLU B 334 -23.72 -4.63 -27.04
N VAL B 335 -22.72 -5.50 -27.11
CA VAL B 335 -22.57 -6.42 -28.23
C VAL B 335 -23.19 -7.79 -27.92
N PHE B 336 -23.06 -8.23 -26.66
CA PHE B 336 -23.72 -9.44 -26.18
C PHE B 336 -24.85 -9.05 -25.24
N GLN B 337 -26.00 -9.69 -25.41
CA GLN B 337 -27.13 -9.42 -24.51
C GLN B 337 -26.84 -9.94 -23.11
N ASP B 338 -26.28 -11.13 -23.01
CA ASP B 338 -26.00 -11.80 -21.73
C ASP B 338 -24.55 -12.24 -21.72
N PRO B 339 -23.61 -11.29 -21.63
CA PRO B 339 -22.19 -11.66 -21.77
C PRO B 339 -21.67 -12.54 -20.65
N PHE B 340 -22.24 -12.44 -19.47
CA PHE B 340 -21.81 -13.27 -18.34
C PHE B 340 -22.55 -14.60 -18.28
N THR B 341 -23.32 -14.91 -19.32
CA THR B 341 -23.90 -16.25 -19.49
C THR B 341 -22.97 -17.09 -20.35
N PHE B 342 -22.64 -18.29 -19.86
CA PHE B 342 -21.87 -19.26 -20.62
C PHE B 342 -22.85 -20.11 -21.44
N ASN B 343 -22.88 -19.89 -22.75
CA ASN B 343 -23.85 -20.53 -23.63
C ASN B 343 -23.11 -21.18 -24.80
N ILE B 344 -22.97 -22.50 -24.76
CA ILE B 344 -22.23 -23.21 -25.79
C ILE B 344 -22.97 -23.24 -27.13
N LEU B 345 -24.22 -22.80 -27.16
CA LEU B 345 -24.96 -22.63 -28.40
C LEU B 345 -24.96 -21.18 -28.88
N ARG B 346 -24.19 -20.31 -28.23
CA ARG B 346 -24.19 -18.89 -28.61
C ARG B 346 -23.92 -18.74 -30.09
N ASN B 347 -24.81 -18.04 -30.78
CA ASN B 347 -24.81 -17.99 -32.24
C ASN B 347 -25.74 -16.88 -32.71
N PRO B 348 -25.23 -15.80 -33.33
CA PRO B 348 -23.81 -15.59 -33.67
C PRO B 348 -22.95 -15.30 -32.45
N ASN B 349 -21.64 -15.39 -32.60
CA ASN B 349 -20.70 -15.20 -31.50
C ASN B 349 -19.56 -14.31 -32.00
N PRO B 350 -19.74 -13.00 -31.96
CA PRO B 350 -18.72 -12.10 -32.51
C PRO B 350 -17.61 -11.80 -31.51
N HIS B 351 -17.12 -12.82 -30.82
CA HIS B 351 -16.07 -12.64 -29.84
C HIS B 351 -14.74 -12.31 -30.54
N VAL B 352 -13.85 -11.67 -29.78
CA VAL B 352 -12.56 -11.25 -30.28
C VAL B 352 -11.41 -11.99 -29.58
N GLY B 353 -11.70 -13.17 -29.03
CA GLY B 353 -10.65 -13.97 -28.42
C GLY B 353 -9.54 -14.31 -29.39
N PHE B 354 -9.86 -14.48 -30.66
CA PHE B 354 -8.87 -14.65 -31.71
C PHE B 354 -8.42 -13.32 -32.28
N GLY B 355 -8.75 -12.22 -31.61
CA GLY B 355 -8.42 -10.88 -32.07
C GLY B 355 -9.59 -10.23 -32.79
N GLY B 356 -9.37 -8.98 -33.16
CA GLY B 356 -10.29 -8.31 -34.05
C GLY B 356 -10.03 -8.70 -35.49
N THR B 357 -11.10 -8.82 -36.26
CA THR B 357 -10.97 -9.07 -37.68
C THR B 357 -10.03 -8.04 -38.31
N GLY B 358 -9.04 -8.53 -39.04
CA GLY B 358 -8.05 -7.65 -39.61
C GLY B 358 -6.87 -8.45 -40.15
N ALA B 359 -5.81 -7.72 -40.48
CA ALA B 359 -4.63 -8.34 -41.08
C ALA B 359 -4.00 -9.37 -40.16
N HIS B 360 -4.14 -9.19 -38.84
CA HIS B 360 -3.45 -10.02 -37.86
C HIS B 360 -4.37 -11.00 -37.15
N TYR B 361 -5.60 -11.17 -37.64
CA TYR B 361 -6.51 -12.15 -37.04
C TYR B 361 -5.86 -13.52 -37.00
N CYS B 362 -6.15 -14.27 -35.94
CA CYS B 362 -5.44 -15.52 -35.68
C CYS B 362 -5.55 -16.47 -36.86
N ILE B 363 -4.39 -16.80 -37.44
CA ILE B 363 -4.36 -17.71 -38.58
C ILE B 363 -4.65 -19.14 -38.16
N GLY B 364 -4.35 -19.49 -36.92
CA GLY B 364 -4.57 -20.83 -36.40
C GLY B 364 -5.90 -21.04 -35.73
N ALA B 365 -6.85 -20.12 -35.90
CA ALA B 365 -8.11 -20.19 -35.15
C ALA B 365 -8.83 -21.51 -35.40
N ASN B 366 -8.82 -22.00 -36.64
CA ASN B 366 -9.53 -23.24 -36.95
C ASN B 366 -8.82 -24.45 -36.37
N LEU B 367 -7.49 -24.48 -36.46
CA LEU B 367 -6.73 -25.49 -35.73
C LEU B 367 -7.07 -25.46 -34.25
N ALA B 368 -7.20 -24.26 -33.68
CA ALA B 368 -7.53 -24.14 -32.27
C ALA B 368 -8.91 -24.70 -31.97
N ARG B 369 -9.91 -24.34 -32.79
CA ARG B 369 -11.26 -24.83 -32.55
C ARG B 369 -11.33 -26.35 -32.65
N MET B 370 -10.59 -26.93 -33.59
CA MET B 370 -10.56 -28.39 -33.69
C MET B 370 -9.95 -29.00 -32.43
N THR B 371 -8.77 -28.51 -32.03
CA THR B 371 -8.14 -28.99 -30.81
C THR B 371 -9.13 -28.93 -29.64
N ILE B 372 -9.77 -27.78 -29.46
CA ILE B 372 -10.74 -27.62 -28.38
C ILE B 372 -11.85 -28.65 -28.51
N ASN B 373 -12.49 -28.71 -29.67
CA ASN B 373 -13.59 -29.65 -29.84
C ASN B 373 -13.15 -31.08 -29.62
N LEU B 374 -11.94 -31.43 -30.08
CA LEU B 374 -11.49 -32.82 -29.98
C LEU B 374 -11.25 -33.22 -28.53
N ILE B 375 -10.55 -32.37 -27.77
CA ILE B 375 -10.21 -32.74 -26.39
C ILE B 375 -11.46 -32.77 -25.52
N PHE B 376 -12.43 -31.89 -25.79
CA PHE B 376 -13.63 -31.85 -24.96
C PHE B 376 -14.60 -32.96 -25.31
N ASN B 377 -14.59 -33.43 -26.57
CA ASN B 377 -15.25 -34.69 -26.89
C ASN B 377 -14.62 -35.84 -26.13
N ALA B 378 -13.28 -35.88 -26.12
CA ALA B 378 -12.57 -36.94 -25.42
C ALA B 378 -12.86 -36.91 -23.92
N VAL B 379 -12.79 -35.72 -23.33
CA VAL B 379 -13.14 -35.57 -21.92
C VAL B 379 -14.55 -36.11 -21.66
N ALA B 380 -15.51 -35.70 -22.49
CA ALA B 380 -16.89 -36.12 -22.29
C ALA B 380 -17.05 -37.62 -22.42
N ASP B 381 -16.24 -38.26 -23.28
CA ASP B 381 -16.36 -39.70 -23.46
C ASP B 381 -15.71 -40.48 -22.33
N HIS B 382 -14.55 -40.03 -21.84
CA HIS B 382 -13.76 -40.82 -20.92
C HIS B 382 -13.88 -40.39 -19.45
N MET B 383 -14.42 -39.20 -19.17
CA MET B 383 -14.59 -38.74 -17.79
C MET B 383 -15.78 -37.80 -17.73
N PRO B 384 -16.99 -38.35 -17.92
CA PRO B 384 -18.19 -37.49 -17.93
C PRO B 384 -18.52 -36.83 -16.61
N ASP B 385 -18.09 -37.40 -15.47
CA ASP B 385 -18.48 -36.89 -14.16
C ASP B 385 -17.35 -36.12 -13.48
N LEU B 386 -16.37 -35.67 -14.26
CA LEU B 386 -15.32 -34.78 -13.78
C LEU B 386 -15.86 -33.72 -12.83
N LYS B 387 -15.14 -33.52 -11.71
CA LYS B 387 -15.44 -32.47 -10.74
C LYS B 387 -14.13 -31.95 -10.18
N PRO B 388 -14.01 -30.63 -9.95
CA PRO B 388 -12.74 -30.10 -9.44
C PRO B 388 -12.53 -30.41 -7.97
N ILE B 389 -11.25 -30.54 -7.60
CA ILE B 389 -10.87 -30.79 -6.22
C ILE B 389 -10.55 -29.50 -5.48
N SER B 390 -9.78 -28.61 -6.13
CA SER B 390 -9.34 -27.39 -5.48
C SER B 390 -9.26 -26.27 -6.52
N ALA B 391 -9.01 -25.05 -6.03
CA ALA B 391 -9.04 -23.90 -6.90
C ALA B 391 -7.84 -23.90 -7.86
N PRO B 392 -7.98 -23.25 -9.01
CA PRO B 392 -6.85 -23.12 -9.93
C PRO B 392 -5.84 -22.09 -9.44
N GLU B 393 -4.59 -22.30 -9.83
CA GLU B 393 -3.53 -21.32 -9.60
C GLU B 393 -3.29 -20.56 -10.90
N ARG B 394 -3.46 -19.24 -10.85
CA ARG B 394 -3.35 -18.42 -12.04
C ARG B 394 -1.89 -18.05 -12.32
N LEU B 395 -1.65 -17.57 -13.54
CA LEU B 395 -0.31 -17.25 -14.01
C LEU B 395 -0.04 -15.76 -13.84
N ARG B 396 1.14 -15.42 -13.31
CA ARG B 396 1.55 -14.03 -13.17
CA ARG B 396 1.56 -14.03 -13.17
C ARG B 396 2.02 -13.53 -14.54
N SER B 397 1.19 -12.71 -15.18
CA SER B 397 1.51 -12.13 -16.47
C SER B 397 0.56 -10.96 -16.71
N GLY B 398 1.01 -9.99 -17.49
CA GLY B 398 0.21 -8.82 -17.77
C GLY B 398 -0.62 -8.90 -19.03
N TRP B 399 -0.59 -10.02 -19.75
CA TRP B 399 -1.30 -10.11 -21.01
C TRP B 399 -1.81 -11.51 -21.31
N LEU B 400 -1.13 -12.53 -20.79
CA LEU B 400 -1.58 -13.91 -20.96
C LEU B 400 -2.42 -14.33 -19.76
N ASN B 401 -3.63 -14.81 -20.03
CA ASN B 401 -4.53 -15.31 -19.00
C ASN B 401 -4.28 -16.81 -18.88
N GLY B 402 -3.51 -17.20 -17.87
CA GLY B 402 -2.99 -18.56 -17.78
C GLY B 402 -3.36 -19.24 -16.47
N ILE B 403 -3.69 -20.52 -16.57
CA ILE B 403 -3.88 -21.39 -15.41
C ILE B 403 -2.68 -22.34 -15.36
N LYS B 404 -1.91 -22.24 -14.27
CA LYS B 404 -0.73 -23.09 -14.12
C LYS B 404 -1.11 -24.50 -13.68
N HIS B 405 -2.05 -24.62 -12.76
CA HIS B 405 -2.41 -25.91 -12.17
C HIS B 405 -3.88 -25.89 -11.78
N TRP B 406 -4.50 -27.06 -11.85
CA TRP B 406 -5.90 -27.20 -11.44
C TRP B 406 -6.15 -28.66 -11.11
N GLN B 407 -6.44 -28.95 -9.84
CA GLN B 407 -6.66 -30.31 -9.37
C GLN B 407 -8.11 -30.70 -9.59
N VAL B 408 -8.33 -31.81 -10.30
CA VAL B 408 -9.68 -32.28 -10.60
C VAL B 408 -9.77 -33.78 -10.41
N ASP B 409 -10.91 -34.22 -9.89
CA ASP B 409 -11.23 -35.64 -9.73
C ASP B 409 -11.88 -36.10 -11.04
N TYR B 410 -11.10 -36.80 -11.86
CA TYR B 410 -11.56 -37.12 -13.22
C TYR B 410 -12.76 -38.07 -13.20
N THR B 411 -12.85 -38.95 -12.20
CA THR B 411 -13.88 -39.98 -12.18
C THR B 411 -15.11 -39.60 -11.36
N GLY B 412 -15.01 -38.56 -10.54
CA GLY B 412 -16.06 -38.25 -9.60
C GLY B 412 -16.04 -39.05 -8.32
N ARG B 413 -15.05 -39.94 -8.15
CA ARG B 413 -14.94 -40.78 -6.97
C ARG B 413 -13.65 -40.60 -6.19
N CYS B 414 -12.70 -39.81 -6.70
CA CYS B 414 -11.44 -39.54 -6.01
C CYS B 414 -11.45 -38.14 -5.42
N PRO B 415 -12.05 -37.93 -4.25
CA PRO B 415 -12.12 -36.58 -3.68
C PRO B 415 -10.79 -36.04 -3.16
N VAL B 416 -9.71 -36.80 -3.25
CA VAL B 416 -8.41 -36.39 -2.71
C VAL B 416 -7.50 -36.00 -3.87
N ALA B 417 -6.63 -35.02 -3.61
CA ALA B 417 -5.69 -34.57 -4.62
C ALA B 417 -4.52 -35.53 -4.75
N HIS B 418 -3.89 -35.51 -5.93
CA HIS B 418 -2.71 -36.34 -6.17
C HIS B 418 -1.87 -35.77 -7.31
N SER C 4 -30.10 0.12 -10.22
CA SER C 4 -29.49 -1.16 -9.86
C SER C 4 -27.97 -1.11 -10.03
N PRO C 5 -27.24 -1.81 -9.16
CA PRO C 5 -25.78 -1.76 -9.24
C PRO C 5 -25.24 -2.60 -10.38
N ASN C 6 -24.08 -2.19 -10.88
CA ASN C 6 -23.44 -2.86 -12.00
C ASN C 6 -22.76 -4.13 -11.50
N LEU C 7 -23.51 -5.23 -11.53
CA LEU C 7 -23.04 -6.52 -11.04
C LEU C 7 -23.57 -7.62 -11.94
N PRO C 8 -22.78 -8.69 -12.16
CA PRO C 8 -23.28 -9.79 -12.99
C PRO C 8 -24.52 -10.38 -12.36
N PRO C 9 -25.48 -10.85 -13.16
CA PRO C 9 -26.70 -11.44 -12.59
C PRO C 9 -26.41 -12.53 -11.56
N GLY C 10 -27.20 -12.54 -10.48
CA GLY C 10 -27.08 -13.54 -9.45
C GLY C 10 -25.85 -13.43 -8.58
N PHE C 11 -25.13 -12.32 -8.64
CA PHE C 11 -23.91 -12.16 -7.85
C PHE C 11 -24.25 -12.19 -6.36
N ASP C 12 -23.54 -13.04 -5.61
CA ASP C 12 -23.77 -13.26 -4.20
C ASP C 12 -22.49 -12.95 -3.44
N PHE C 13 -22.50 -11.84 -2.69
CA PHE C 13 -21.30 -11.39 -1.98
C PHE C 13 -20.87 -12.33 -0.86
N THR C 14 -21.69 -13.31 -0.48
CA THR C 14 -21.28 -14.35 0.46
C THR C 14 -20.82 -15.61 -0.26
N ASP C 15 -20.61 -15.55 -1.56
CA ASP C 15 -20.21 -16.72 -2.33
C ASP C 15 -18.80 -17.14 -1.94
N PRO C 16 -18.61 -18.29 -1.28
CA PRO C 16 -17.25 -18.68 -0.87
C PRO C 16 -16.29 -18.85 -2.04
N ALA C 17 -16.80 -19.12 -3.25
CA ALA C 17 -15.93 -19.24 -4.40
C ALA C 17 -15.20 -17.93 -4.69
N ILE C 18 -15.84 -16.80 -4.39
CA ILE C 18 -15.19 -15.50 -4.58
C ILE C 18 -13.95 -15.41 -3.70
N TYR C 19 -14.13 -15.63 -2.39
CA TYR C 19 -13.05 -15.41 -1.43
C TYR C 19 -11.97 -16.47 -1.50
N ALA C 20 -12.21 -17.59 -2.18
CA ALA C 20 -11.12 -18.51 -2.47
C ALA C 20 -10.17 -17.94 -3.53
N GLU C 21 -10.62 -16.96 -4.30
CA GLU C 21 -9.82 -16.32 -5.34
C GLU C 21 -9.38 -14.91 -4.98
N ARG C 22 -10.25 -14.10 -4.40
CA ARG C 22 -9.99 -12.67 -4.28
C ARG C 22 -10.89 -12.08 -3.21
N LEU C 23 -10.60 -10.82 -2.86
CA LEU C 23 -11.55 -9.97 -2.19
C LEU C 23 -12.25 -9.12 -3.22
N PRO C 24 -13.59 -9.12 -3.30
CA PRO C 24 -14.30 -8.38 -4.36
C PRO C 24 -14.34 -6.88 -4.09
N VAL C 25 -13.16 -6.26 -4.05
CA VAL C 25 -13.08 -4.86 -3.65
C VAL C 25 -13.81 -3.96 -4.64
N ALA C 26 -13.68 -4.24 -5.94
CA ALA C 26 -14.36 -3.42 -6.94
C ALA C 26 -15.87 -3.57 -6.86
N GLU C 27 -16.36 -4.77 -6.49
CA GLU C 27 -17.80 -4.97 -6.41
C GLU C 27 -18.39 -4.32 -5.17
N PHE C 28 -17.63 -4.24 -4.08
CA PHE C 28 -18.07 -3.47 -2.92
C PHE C 28 -18.08 -1.98 -3.23
N ALA C 29 -17.03 -1.49 -3.90
CA ALA C 29 -17.03 -0.10 -4.35
C ALA C 29 -18.28 0.22 -5.14
N GLU C 30 -18.69 -0.67 -6.04
CA GLU C 30 -19.87 -0.43 -6.85
C GLU C 30 -21.11 -0.29 -5.98
N LEU C 31 -21.27 -1.16 -4.98
CA LEU C 31 -22.41 -1.08 -4.09
C LEU C 31 -22.44 0.26 -3.35
N ARG C 32 -21.38 0.54 -2.59
CA ARG C 32 -21.24 1.82 -1.89
C ARG C 32 -21.65 2.97 -2.80
N SER C 33 -21.20 2.92 -4.06
CA SER C 33 -21.51 3.99 -4.99
C SER C 33 -22.99 3.99 -5.38
N ALA C 34 -23.50 2.84 -5.85
CA ALA C 34 -24.79 2.81 -6.53
C ALA C 34 -25.90 2.14 -5.74
N ALA C 35 -25.59 1.28 -4.76
CA ALA C 35 -26.61 0.64 -3.93
C ALA C 35 -26.01 0.35 -2.57
N PRO C 36 -25.77 1.39 -1.76
CA PRO C 36 -25.14 1.17 -0.44
C PRO C 36 -25.84 0.11 0.39
N ILE C 37 -27.17 0.10 0.40
CA ILE C 37 -27.95 -1.02 0.91
C ILE C 37 -28.64 -1.66 -0.28
N TRP C 38 -28.38 -2.95 -0.49
CA TRP C 38 -28.76 -3.65 -1.71
C TRP C 38 -29.27 -5.02 -1.35
N TRP C 39 -30.41 -5.41 -1.94
CA TRP C 39 -30.95 -6.74 -1.70
C TRP C 39 -30.11 -7.76 -2.48
N ASN C 40 -29.56 -8.73 -1.77
CA ASN C 40 -28.76 -9.78 -2.39
C ASN C 40 -29.61 -11.05 -2.45
N GLY C 41 -30.11 -11.37 -3.64
CA GLY C 41 -30.94 -12.55 -3.81
C GLY C 41 -30.11 -13.82 -3.81
N GLN C 42 -30.64 -14.84 -3.13
CA GLN C 42 -30.00 -16.16 -3.04
C GLN C 42 -31.00 -17.20 -3.51
N ASP C 43 -30.71 -17.85 -4.64
CA ASP C 43 -31.62 -18.83 -5.20
C ASP C 43 -31.82 -19.98 -4.21
N PRO C 44 -32.92 -20.73 -4.36
CA PRO C 44 -33.19 -21.83 -3.43
C PRO C 44 -32.01 -22.79 -3.33
N GLY C 45 -31.68 -23.17 -2.10
CA GLY C 45 -30.54 -24.03 -1.84
C GLY C 45 -29.19 -23.38 -1.99
N LYS C 46 -29.13 -22.14 -2.47
CA LYS C 46 -27.88 -21.42 -2.68
C LYS C 46 -27.70 -20.30 -1.67
N GLY C 47 -28.09 -20.54 -0.40
CA GLY C 47 -28.08 -19.51 0.61
C GLY C 47 -27.29 -19.87 1.86
N GLY C 48 -26.32 -20.77 1.71
CA GLY C 48 -25.43 -21.10 2.82
C GLY C 48 -26.13 -21.53 4.09
N GLY C 49 -27.25 -22.23 3.97
CA GLY C 49 -27.97 -22.74 5.12
C GLY C 49 -29.16 -21.92 5.54
N PHE C 50 -29.45 -20.84 4.82
CA PHE C 50 -30.55 -19.94 5.13
C PHE C 50 -31.41 -19.82 3.88
N HIS C 51 -32.70 -20.11 4.02
CA HIS C 51 -33.59 -20.36 2.88
C HIS C 51 -34.67 -19.31 2.78
N ASP C 52 -34.31 -18.05 3.06
CA ASP C 52 -35.25 -16.93 3.00
C ASP C 52 -35.13 -16.16 1.70
N GLY C 53 -34.34 -16.64 0.74
CA GLY C 53 -34.30 -16.02 -0.57
C GLY C 53 -33.44 -14.78 -0.68
N GLY C 54 -32.57 -14.51 0.29
CA GLY C 54 -31.60 -13.45 0.18
C GLY C 54 -31.44 -12.71 1.48
N PHE C 55 -30.76 -11.56 1.40
CA PHE C 55 -30.45 -10.74 2.57
C PHE C 55 -30.16 -9.33 2.09
N TRP C 56 -29.87 -8.44 3.04
CA TRP C 56 -29.56 -7.05 2.75
C TRP C 56 -28.04 -6.84 2.87
N ALA C 57 -27.43 -6.36 1.79
CA ALA C 57 -25.99 -6.10 1.76
C ALA C 57 -25.72 -4.74 2.41
N ILE C 58 -25.08 -4.74 3.57
CA ILE C 58 -24.70 -3.52 4.27
C ILE C 58 -23.23 -3.23 3.95
N THR C 59 -22.99 -2.11 3.26
CA THR C 59 -21.66 -1.77 2.78
C THR C 59 -21.09 -0.48 3.35
N LYS C 60 -21.92 0.41 3.90
CA LYS C 60 -21.45 1.68 4.44
C LYS C 60 -21.15 1.53 5.92
N LEU C 61 -20.14 2.27 6.39
CA LEU C 61 -19.72 2.15 7.79
C LEU C 61 -20.79 2.67 8.73
N ASN C 62 -21.36 3.84 8.43
CA ASN C 62 -22.47 4.35 9.25
C ASN C 62 -23.48 3.26 9.52
N ASP C 63 -23.99 2.65 8.45
CA ASP C 63 -25.05 1.64 8.59
C ASP C 63 -24.57 0.45 9.42
N VAL C 64 -23.27 0.13 9.37
CA VAL C 64 -22.76 -0.96 10.20
C VAL C 64 -22.82 -0.58 11.67
N LYS C 65 -22.44 0.65 12.01
CA LYS C 65 -22.45 1.07 13.42
C LYS C 65 -23.87 1.14 13.95
N GLU C 66 -24.80 1.65 13.14
CA GLU C 66 -26.21 1.64 13.53
C GLU C 66 -26.66 0.23 13.90
N ILE C 67 -26.42 -0.73 13.01
CA ILE C 67 -26.92 -2.09 13.21
C ILE C 67 -26.26 -2.74 14.43
N SER C 68 -24.98 -2.43 14.68
CA SER C 68 -24.31 -3.02 15.83
C SER C 68 -24.77 -2.38 17.13
N ARG C 69 -25.09 -1.09 17.10
CA ARG C 69 -25.57 -0.41 18.31
C ARG C 69 -26.99 -0.85 18.65
N HIS C 70 -27.89 -0.80 17.66
CA HIS C 70 -29.29 -1.16 17.87
C HIS C 70 -29.46 -2.69 17.90
N SER C 71 -28.80 -3.31 18.87
CA SER C 71 -28.93 -4.75 19.07
C SER C 71 -30.26 -5.12 19.71
N ASP C 72 -31.07 -4.14 20.11
CA ASP C 72 -32.44 -4.42 20.54
C ASP C 72 -33.33 -4.72 19.34
N VAL C 73 -33.13 -4.00 18.24
CA VAL C 73 -33.85 -4.30 17.01
C VAL C 73 -33.18 -5.45 16.26
N PHE C 74 -31.93 -5.25 15.86
CA PHE C 74 -31.22 -6.21 15.01
C PHE C 74 -30.59 -7.27 15.91
N SER C 75 -31.07 -8.51 15.78
CA SER C 75 -30.75 -9.57 16.71
C SER C 75 -29.62 -10.45 16.20
N SER C 76 -28.83 -10.95 17.14
CA SER C 76 -27.77 -11.91 16.87
C SER C 76 -28.15 -13.32 17.30
N TYR C 77 -29.22 -13.48 18.07
CA TYR C 77 -29.69 -14.79 18.49
C TYR C 77 -30.57 -15.44 17.43
N GLU C 78 -31.39 -14.64 16.75
CA GLU C 78 -32.35 -15.15 15.77
C GLU C 78 -31.69 -16.11 14.77
N ASN C 79 -30.89 -15.57 13.85
CA ASN C 79 -30.28 -16.36 12.80
C ASN C 79 -28.78 -16.54 12.97
N GLY C 80 -28.20 -16.03 14.05
CA GLY C 80 -26.77 -16.08 14.24
C GLY C 80 -26.06 -14.96 13.48
N VAL C 81 -24.75 -14.98 13.55
CA VAL C 81 -23.92 -13.95 12.91
C VAL C 81 -23.26 -14.45 11.64
N ILE C 82 -22.87 -15.72 11.59
CA ILE C 82 -22.24 -16.29 10.42
C ILE C 82 -23.23 -16.25 9.26
N PRO C 83 -22.91 -15.60 8.15
CA PRO C 83 -23.86 -15.51 7.02
C PRO C 83 -23.64 -16.54 5.91
N ARG C 84 -22.87 -17.60 6.13
CA ARG C 84 -22.64 -18.59 5.09
C ARG C 84 -22.08 -19.87 5.72
N PHE C 85 -22.75 -20.98 5.47
CA PHE C 85 -22.26 -22.32 5.77
C PHE C 85 -22.27 -23.13 4.46
N LYS C 86 -22.06 -24.44 4.59
CA LYS C 86 -22.45 -25.34 3.52
C LYS C 86 -23.96 -25.21 3.30
N ASN C 87 -24.36 -25.08 2.03
CA ASN C 87 -25.78 -24.88 1.73
C ASN C 87 -26.66 -25.92 2.40
N ASP C 88 -26.15 -27.14 2.59
CA ASP C 88 -26.92 -28.24 3.15
C ASP C 88 -26.73 -28.38 4.66
N ILE C 89 -26.40 -27.29 5.36
CA ILE C 89 -26.20 -27.37 6.80
C ILE C 89 -27.54 -27.57 7.49
N ALA C 90 -27.54 -28.43 8.51
CA ALA C 90 -28.73 -28.61 9.32
C ALA C 90 -29.01 -27.36 10.14
N ARG C 91 -30.28 -26.94 10.17
CA ARG C 91 -30.66 -25.82 11.02
C ARG C 91 -30.14 -26.02 12.44
N GLU C 92 -30.29 -27.23 12.98
CA GLU C 92 -29.84 -27.50 14.33
C GLU C 92 -28.35 -27.21 14.51
N ASP C 93 -27.56 -27.38 13.44
CA ASP C 93 -26.14 -27.05 13.51
C ASP C 93 -25.88 -25.57 13.38
N ILE C 94 -26.91 -24.76 13.11
CA ILE C 94 -26.78 -23.31 13.19
C ILE C 94 -27.12 -22.81 14.59
N GLU C 95 -28.00 -23.51 15.33
CA GLU C 95 -28.34 -23.11 16.68
C GLU C 95 -27.29 -23.47 17.70
N VAL C 96 -26.46 -24.47 17.42
CA VAL C 96 -25.39 -24.83 18.35
C VAL C 96 -24.55 -23.59 18.65
N GLN C 97 -24.50 -22.65 17.71
CA GLN C 97 -23.81 -21.38 17.95
C GLN C 97 -24.46 -20.61 19.09
N ARG C 98 -25.78 -20.72 19.24
CA ARG C 98 -26.50 -19.94 20.26
C ARG C 98 -25.87 -20.07 21.63
N PHE C 99 -25.07 -21.11 21.88
CA PHE C 99 -24.52 -21.33 23.20
C PHE C 99 -23.56 -20.21 23.60
N VAL C 100 -22.79 -19.68 22.65
CA VAL C 100 -21.77 -18.69 22.98
C VAL C 100 -22.40 -17.30 22.99
N MET C 101 -21.71 -16.36 23.64
CA MET C 101 -22.29 -15.05 23.88
C MET C 101 -22.33 -14.17 22.65
N LEU C 102 -21.53 -14.48 21.62
CA LEU C 102 -21.61 -13.73 20.37
C LEU C 102 -22.98 -13.91 19.72
N ASN C 103 -23.59 -15.08 19.88
CA ASN C 103 -24.87 -15.38 19.25
C ASN C 103 -25.98 -15.36 20.30
N MET C 104 -26.15 -14.19 20.92
CA MET C 104 -27.14 -13.98 21.94
C MET C 104 -27.71 -12.58 21.81
N ASP C 105 -28.71 -12.29 22.65
CA ASP C 105 -29.33 -10.97 22.72
C ASP C 105 -29.51 -10.61 24.19
N ALA C 106 -30.03 -9.41 24.44
CA ALA C 106 -30.32 -9.03 25.81
C ALA C 106 -31.51 -9.84 26.32
N PRO C 107 -31.48 -10.27 27.61
CA PRO C 107 -30.49 -9.99 28.65
C PRO C 107 -29.47 -11.10 28.90
N HIS C 108 -29.68 -12.31 28.37
CA HIS C 108 -28.75 -13.39 28.64
C HIS C 108 -27.34 -13.05 28.15
N HIS C 109 -27.23 -12.27 27.08
CA HIS C 109 -25.92 -11.80 26.63
C HIS C 109 -25.27 -10.91 27.66
N THR C 110 -25.93 -9.78 27.97
CA THR C 110 -25.36 -8.83 28.92
C THR C 110 -24.92 -9.53 30.20
N ARG C 111 -25.71 -10.50 30.67
CA ARG C 111 -25.30 -11.30 31.81
C ARG C 111 -23.95 -11.97 31.55
N LEU C 112 -23.86 -12.75 30.47
CA LEU C 112 -22.62 -13.48 30.20
C LEU C 112 -21.47 -12.56 29.84
N ARG C 113 -21.76 -11.36 29.34
CA ARG C 113 -20.69 -10.40 29.04
C ARG C 113 -20.03 -9.90 30.32
N LYS C 114 -20.84 -9.39 31.25
CA LYS C 114 -20.30 -8.88 32.51
C LYS C 114 -19.35 -9.88 33.15
N ILE C 115 -19.66 -11.18 33.07
CA ILE C 115 -18.79 -12.19 33.65
C ILE C 115 -17.50 -12.30 32.84
N ILE C 116 -17.62 -12.57 31.54
CA ILE C 116 -16.44 -12.86 30.74
C ILE C 116 -15.57 -11.63 30.55
N SER C 117 -16.17 -10.44 30.50
CA SER C 117 -15.39 -9.22 30.33
C SER C 117 -14.34 -9.07 31.41
N ARG C 118 -14.48 -9.78 32.54
CA ARG C 118 -13.52 -9.66 33.63
C ARG C 118 -12.08 -9.88 33.14
N GLY C 119 -11.87 -10.93 32.36
CA GLY C 119 -10.53 -11.31 31.95
C GLY C 119 -10.17 -10.86 30.55
N PHE C 120 -10.56 -9.63 30.18
CA PHE C 120 -10.29 -9.19 28.80
C PHE C 120 -10.23 -7.68 28.64
N THR C 121 -10.11 -6.91 29.72
CA THR C 121 -9.88 -5.48 29.62
C THR C 121 -8.41 -5.21 29.31
N PRO C 122 -8.07 -4.02 28.80
CA PRO C 122 -6.66 -3.77 28.43
C PRO C 122 -5.69 -4.03 29.57
N ARG C 123 -6.09 -3.81 30.82
CA ARG C 123 -5.25 -4.22 31.94
C ARG C 123 -5.17 -5.73 32.04
N ALA C 124 -6.27 -6.43 31.74
CA ALA C 124 -6.29 -7.88 31.84
C ALA C 124 -5.33 -8.52 30.84
N VAL C 125 -5.39 -8.08 29.58
CA VAL C 125 -4.52 -8.66 28.57
C VAL C 125 -3.08 -8.26 28.80
N GLY C 126 -2.83 -7.08 29.37
CA GLY C 126 -1.48 -6.60 29.53
C GLY C 126 -0.60 -7.53 30.34
N ARG C 127 -1.18 -8.28 31.26
CA ARG C 127 -0.39 -9.17 32.11
C ARG C 127 0.30 -10.25 31.27
N LEU C 128 -0.20 -10.54 30.08
CA LEU C 128 0.41 -11.52 29.19
C LEU C 128 1.59 -10.95 28.41
N HIS C 129 1.72 -9.62 28.37
CA HIS C 129 2.64 -8.96 27.44
C HIS C 129 4.03 -9.59 27.47
N ASP C 130 4.64 -9.66 28.66
CA ASP C 130 6.03 -10.10 28.73
C ASP C 130 6.18 -11.56 28.31
N GLU C 131 5.19 -12.39 28.62
CA GLU C 131 5.23 -13.78 28.16
C GLU C 131 5.17 -13.84 26.64
N LEU C 132 4.18 -13.19 26.04
CA LEU C 132 4.02 -13.26 24.60
C LEU C 132 5.15 -12.57 23.86
N GLN C 133 5.69 -11.47 24.42
CA GLN C 133 6.84 -10.82 23.80
C GLN C 133 8.00 -11.80 23.68
N GLU C 134 8.28 -12.54 24.75
CA GLU C 134 9.29 -13.59 24.68
C GLU C 134 8.96 -14.60 23.59
N ARG C 135 7.69 -15.04 23.54
CA ARG C 135 7.29 -16.02 22.53
C ARG C 135 7.42 -15.46 21.12
N ALA C 136 6.96 -14.21 20.92
CA ALA C 136 7.05 -13.60 19.60
C ALA C 136 8.50 -13.59 19.09
N GLN C 137 9.45 -13.26 19.97
CA GLN C 137 10.84 -13.17 19.55
C GLN C 137 11.40 -14.54 19.21
N LYS C 138 11.06 -15.57 20.00
CA LYS C 138 11.43 -16.93 19.65
C LYS C 138 10.90 -17.28 18.26
N ILE C 139 9.61 -17.03 18.03
CA ILE C 139 8.99 -17.40 16.76
C ILE C 139 9.70 -16.71 15.60
N ALA C 140 9.95 -15.41 15.72
CA ALA C 140 10.64 -14.70 14.65
C ALA C 140 12.07 -15.19 14.50
N ALA C 141 12.77 -15.41 15.62
CA ALA C 141 14.12 -15.95 15.55
C ALA C 141 14.14 -17.28 14.83
N GLU C 142 13.19 -18.17 15.13
CA GLU C 142 13.17 -19.49 14.52
C GLU C 142 12.85 -19.40 13.04
N ALA C 143 11.86 -18.58 12.66
CA ALA C 143 11.58 -18.36 11.25
C ALA C 143 12.79 -17.81 10.53
N ALA C 144 13.46 -16.82 11.13
CA ALA C 144 14.65 -16.24 10.52
C ALA C 144 15.73 -17.29 10.31
N ALA C 145 15.95 -18.14 11.32
CA ALA C 145 16.96 -19.19 11.18
C ALA C 145 16.59 -20.15 10.05
N ALA C 146 15.30 -20.46 9.90
CA ALA C 146 14.88 -21.38 8.86
C ALA C 146 15.05 -20.79 7.46
N GLY C 147 15.19 -19.48 7.35
CA GLY C 147 15.52 -18.85 6.07
C GLY C 147 14.35 -18.54 5.18
N SER C 148 13.40 -19.48 5.07
CA SER C 148 12.24 -19.31 4.22
C SER C 148 11.23 -20.39 4.57
N GLY C 149 10.02 -20.24 4.05
CA GLY C 149 8.97 -21.20 4.29
C GLY C 149 7.61 -20.53 4.24
N ASP C 150 6.65 -21.15 4.92
CA ASP C 150 5.26 -20.71 4.90
C ASP C 150 5.07 -19.70 6.03
N PHE C 151 4.98 -18.41 5.66
CA PHE C 151 4.81 -17.36 6.64
C PHE C 151 3.62 -17.62 7.56
N VAL C 152 2.52 -18.14 7.00
CA VAL C 152 1.31 -18.34 7.79
C VAL C 152 1.59 -19.22 8.99
N GLU C 153 2.36 -20.28 8.80
CA GLU C 153 2.63 -21.24 9.87
C GLU C 153 3.82 -20.84 10.72
N GLN C 154 4.87 -20.32 10.10
CA GLN C 154 6.10 -20.03 10.82
C GLN C 154 6.05 -18.71 11.58
N VAL C 155 5.09 -17.83 11.26
CA VAL C 155 5.05 -16.50 11.87
C VAL C 155 3.66 -16.20 12.41
N SER C 156 2.62 -16.44 11.61
CA SER C 156 1.29 -15.98 11.96
C SER C 156 0.55 -16.91 12.91
N CYS C 157 0.92 -18.20 12.96
CA CYS C 157 0.04 -19.21 13.53
C CYS C 157 0.18 -19.31 15.04
N GLU C 158 1.40 -19.44 15.55
CA GLU C 158 1.58 -19.86 16.94
C GLU C 158 1.13 -18.77 17.92
N LEU C 159 1.68 -17.56 17.78
CA LEU C 159 1.47 -16.54 18.82
C LEU C 159 0.00 -16.29 19.14
N PRO C 160 -0.89 -16.14 18.15
CA PRO C 160 -2.31 -15.95 18.51
C PRO C 160 -2.86 -17.04 19.40
N LEU C 161 -2.38 -18.28 19.26
CA LEU C 161 -2.83 -19.36 20.13
C LEU C 161 -2.16 -19.29 21.49
N GLN C 162 -0.85 -19.04 21.53
CA GLN C 162 -0.16 -18.86 22.80
C GLN C 162 -0.78 -17.71 23.59
N ALA C 163 -1.30 -16.69 22.90
CA ALA C 163 -2.03 -15.63 23.57
C ALA C 163 -3.21 -16.20 24.35
N ILE C 164 -3.96 -17.11 23.72
CA ILE C 164 -5.12 -17.71 24.39
C ILE C 164 -4.66 -18.72 25.42
N ALA C 165 -3.70 -19.56 25.06
CA ALA C 165 -3.22 -20.58 25.97
C ALA C 165 -2.68 -19.96 27.25
N GLY C 166 -1.87 -18.90 27.12
CA GLY C 166 -1.38 -18.22 28.30
C GLY C 166 -2.50 -17.64 29.15
N LEU C 167 -3.57 -17.18 28.52
CA LEU C 167 -4.71 -16.64 29.26
C LEU C 167 -5.44 -17.74 30.00
N LEU C 168 -5.56 -18.92 29.40
CA LEU C 168 -6.23 -20.06 30.02
C LEU C 168 -5.28 -20.92 30.85
N GLY C 169 -4.16 -20.35 31.29
CA GLY C 169 -3.19 -21.07 32.10
C GLY C 169 -2.92 -22.49 31.67
N VAL C 170 -2.97 -22.74 30.36
CA VAL C 170 -2.80 -24.11 29.86
C VAL C 170 -1.33 -24.50 29.95
N PRO C 171 -0.99 -25.62 30.57
CA PRO C 171 0.43 -25.99 30.68
C PRO C 171 1.05 -26.32 29.32
N GLN C 172 2.36 -26.08 29.22
CA GLN C 172 3.10 -26.35 28.00
C GLN C 172 2.90 -27.77 27.47
N GLU C 173 2.37 -28.66 28.30
CA GLU C 173 2.18 -30.06 27.92
C GLU C 173 0.86 -30.31 27.21
N ASP C 174 -0.15 -29.47 27.45
CA ASP C 174 -1.44 -29.60 26.80
C ASP C 174 -1.62 -28.62 25.64
N ARG C 175 -0.73 -27.63 25.50
CA ARG C 175 -0.89 -26.66 24.43
C ARG C 175 -0.70 -27.31 23.06
N GLY C 176 0.19 -28.29 22.96
CA GLY C 176 0.39 -29.02 21.73
C GLY C 176 -0.89 -29.56 21.15
N LYS C 177 -1.63 -30.35 21.92
CA LYS C 177 -2.90 -30.88 21.42
C LYS C 177 -3.98 -29.81 21.40
N LEU C 178 -3.95 -28.87 22.35
CA LEU C 178 -4.94 -27.80 22.35
C LEU C 178 -4.88 -26.99 21.06
N PHE C 179 -3.66 -26.69 20.59
CA PHE C 179 -3.51 -25.99 19.32
C PHE C 179 -4.16 -26.79 18.19
N HIS C 180 -3.89 -28.09 18.15
CA HIS C 180 -4.36 -28.91 17.03
C HIS C 180 -5.88 -28.89 16.93
N TRP C 181 -6.57 -29.13 18.05
CA TRP C 181 -8.02 -29.09 18.03
C TRP C 181 -8.52 -27.74 17.53
N SER C 182 -7.93 -26.65 18.04
CA SER C 182 -8.32 -25.31 17.58
C SER C 182 -8.08 -25.15 16.09
N ASN C 183 -6.92 -25.60 15.60
CA ASN C 183 -6.59 -25.42 14.19
C ASN C 183 -7.55 -26.16 13.28
N GLU C 184 -8.16 -27.25 13.77
CA GLU C 184 -9.02 -28.08 12.94
C GLU C 184 -10.46 -27.59 12.88
N MET C 185 -10.81 -26.55 13.63
CA MET C 185 -12.14 -25.96 13.56
C MET C 185 -12.20 -24.72 12.69
N THR C 186 -11.12 -24.40 11.98
CA THR C 186 -11.07 -23.24 11.09
C THR C 186 -10.75 -23.71 9.67
N GLY C 187 -11.51 -23.21 8.71
CA GLY C 187 -11.30 -23.55 7.32
C GLY C 187 -12.02 -24.79 6.83
N ASN C 188 -13.12 -25.16 7.49
CA ASN C 188 -13.79 -26.42 7.16
C ASN C 188 -14.53 -26.38 5.83
N GLU C 189 -14.83 -25.18 5.32
CA GLU C 189 -15.47 -25.05 4.02
C GLU C 189 -14.49 -25.08 2.85
N ASP C 190 -13.20 -25.28 3.13
CA ASP C 190 -12.16 -25.23 2.10
C ASP C 190 -11.69 -26.64 1.72
N PRO C 191 -11.44 -26.90 0.44
CA PRO C 191 -11.05 -28.27 0.05
C PRO C 191 -9.92 -28.86 0.88
N GLU C 192 -8.91 -28.06 1.20
CA GLU C 192 -7.73 -28.56 1.89
C GLU C 192 -8.05 -29.13 3.27
N TYR C 193 -9.22 -28.81 3.82
CA TYR C 193 -9.61 -29.29 5.14
C TYR C 193 -10.96 -30.00 5.13
N ALA C 194 -11.46 -30.37 3.94
CA ALA C 194 -12.76 -31.01 3.87
C ALA C 194 -12.78 -32.35 4.60
N HIS C 195 -11.63 -33.05 4.64
CA HIS C 195 -11.57 -34.34 5.29
C HIS C 195 -11.56 -34.27 6.81
N ILE C 196 -11.37 -33.08 7.38
CA ILE C 196 -11.28 -32.94 8.83
C ILE C 196 -12.68 -32.97 9.43
N ASP C 197 -12.82 -33.66 10.56
CA ASP C 197 -14.07 -33.64 11.33
C ASP C 197 -14.01 -32.54 12.37
N PRO C 198 -14.63 -31.38 12.12
CA PRO C 198 -14.59 -30.32 13.14
C PRO C 198 -15.33 -30.69 14.41
N LYS C 199 -16.47 -31.38 14.30
CA LYS C 199 -17.23 -31.73 15.49
C LYS C 199 -16.43 -32.68 16.39
N ALA C 200 -15.51 -33.46 15.82
CA ALA C 200 -14.64 -34.28 16.65
C ALA C 200 -13.73 -33.43 17.49
N SER C 201 -13.12 -32.40 16.89
CA SER C 201 -12.24 -31.51 17.64
C SER C 201 -13.02 -30.69 18.66
N SER C 202 -14.19 -30.18 18.28
CA SER C 202 -14.99 -29.38 19.21
C SER C 202 -15.32 -30.17 20.46
N ALA C 203 -15.71 -31.44 20.30
CA ALA C 203 -15.98 -32.28 21.46
C ALA C 203 -14.71 -32.52 22.25
N GLU C 204 -13.58 -32.69 21.57
CA GLU C 204 -12.31 -32.88 22.26
C GLU C 204 -11.94 -31.63 23.06
N LEU C 205 -12.24 -30.44 22.53
CA LEU C 205 -11.96 -29.21 23.26
C LEU C 205 -12.86 -29.09 24.50
N ILE C 206 -14.17 -29.20 24.29
CA ILE C 206 -15.11 -29.13 25.42
C ILE C 206 -14.71 -30.13 26.50
N GLY C 207 -14.32 -31.34 26.09
CA GLY C 207 -13.91 -32.32 27.08
C GLY C 207 -12.72 -31.87 27.90
N TYR C 208 -11.67 -31.41 27.22
CA TYR C 208 -10.51 -30.88 27.93
C TYR C 208 -10.88 -29.61 28.70
N ALA C 209 -11.88 -28.86 28.23
CA ALA C 209 -12.30 -27.65 28.93
C ALA C 209 -12.95 -28.00 30.27
N MET C 210 -14.05 -28.76 30.22
CA MET C 210 -14.72 -29.15 31.45
C MET C 210 -13.75 -29.79 32.44
N LYS C 211 -12.74 -30.51 31.93
CA LYS C 211 -11.73 -31.08 32.81
C LYS C 211 -11.00 -29.98 33.58
N MET C 212 -10.53 -28.95 32.87
CA MET C 212 -9.85 -27.85 33.53
C MET C 212 -10.73 -27.22 34.60
N ALA C 213 -12.02 -27.03 34.29
CA ALA C 213 -12.93 -26.42 35.25
C ALA C 213 -12.98 -27.22 36.55
N GLU C 214 -13.22 -28.53 36.45
CA GLU C 214 -13.30 -29.37 37.64
C GLU C 214 -11.95 -29.70 38.24
N GLU C 215 -10.85 -29.35 37.57
CA GLU C 215 -9.52 -29.48 38.15
C GLU C 215 -9.06 -28.19 38.82
N LYS C 216 -9.47 -27.04 38.29
CA LYS C 216 -9.08 -25.76 38.85
C LYS C 216 -10.05 -25.25 39.91
N ALA C 217 -11.30 -25.74 39.92
CA ALA C 217 -12.22 -25.39 40.98
C ALA C 217 -11.75 -25.91 42.34
N LYS C 218 -10.88 -26.90 42.35
CA LYS C 218 -10.25 -27.38 43.58
C LYS C 218 -9.02 -26.58 43.95
N ASN C 219 -8.54 -25.70 43.06
CA ASN C 219 -7.37 -24.87 43.33
C ASN C 219 -7.70 -23.40 43.15
N SER C 239 -23.88 -19.10 32.23
CA SER C 239 -24.00 -20.25 33.12
C SER C 239 -22.75 -21.10 33.06
N ASP C 240 -22.88 -22.40 33.34
CA ASP C 240 -21.75 -23.30 33.39
C ASP C 240 -21.80 -24.41 32.34
N ASP C 241 -22.92 -24.62 31.67
CA ASP C 241 -22.93 -25.48 30.49
C ASP C 241 -22.46 -24.72 29.26
N GLU C 242 -22.63 -23.40 29.26
CA GLU C 242 -22.10 -22.55 28.19
C GLU C 242 -20.62 -22.23 28.38
N PHE C 243 -20.04 -22.58 29.53
CA PHE C 243 -18.60 -22.44 29.70
C PHE C 243 -17.86 -23.28 28.67
N GLY C 244 -18.34 -24.49 28.40
CA GLY C 244 -17.69 -25.33 27.42
C GLY C 244 -17.60 -24.68 26.06
N PHE C 245 -18.72 -24.09 25.60
CA PHE C 245 -18.74 -23.49 24.28
C PHE C 245 -17.98 -22.17 24.24
N PHE C 246 -17.72 -21.56 25.40
CA PHE C 246 -16.91 -20.35 25.45
C PHE C 246 -15.44 -20.66 25.23
N VAL C 247 -14.91 -21.66 25.93
CA VAL C 247 -13.51 -22.04 25.75
C VAL C 247 -13.24 -22.43 24.30
N VAL C 248 -14.17 -23.13 23.67
CA VAL C 248 -14.01 -23.50 22.27
C VAL C 248 -13.88 -22.25 21.41
N MET C 249 -14.86 -21.34 21.53
CA MET C 249 -14.90 -20.15 20.70
C MET C 249 -13.74 -19.20 20.98
N LEU C 250 -13.08 -19.35 22.13
CA LEU C 250 -11.86 -18.59 22.39
C LEU C 250 -10.67 -19.22 21.68
N ALA C 251 -10.53 -20.55 21.82
CA ALA C 251 -9.45 -21.26 21.14
C ALA C 251 -9.44 -20.98 19.64
N VAL C 252 -10.62 -20.77 19.05
CA VAL C 252 -10.70 -20.64 17.60
C VAL C 252 -10.59 -19.19 17.15
N ALA C 253 -10.99 -18.23 18.00
CA ALA C 253 -11.03 -16.84 17.56
C ALA C 253 -9.67 -16.37 17.06
N GLY C 254 -8.60 -16.71 17.78
CA GLY C 254 -7.27 -16.27 17.36
C GLY C 254 -6.91 -16.75 15.95
N ASN C 255 -7.37 -17.95 15.59
CA ASN C 255 -6.95 -18.54 14.32
C ASN C 255 -7.73 -17.97 13.15
N GLU C 256 -9.01 -17.67 13.35
CA GLU C 256 -9.82 -17.13 12.27
C GLU C 256 -9.52 -15.66 11.99
N THR C 257 -8.90 -14.96 12.94
CA THR C 257 -8.84 -13.51 12.85
C THR C 257 -7.43 -12.97 13.02
N THR C 258 -6.86 -13.09 14.22
CA THR C 258 -5.54 -12.51 14.48
C THR C 258 -4.52 -13.05 13.48
N ARG C 259 -4.44 -14.38 13.34
CA ARG C 259 -3.51 -14.98 12.38
C ARG C 259 -3.64 -14.33 11.02
N ASN C 260 -4.87 -14.15 10.53
CA ASN C 260 -5.07 -13.61 9.20
C ASN C 260 -4.75 -12.13 9.13
N SER C 261 -4.88 -11.41 10.24
CA SER C 261 -4.44 -10.02 10.25
C SER C 261 -2.91 -9.95 10.17
N ILE C 262 -2.23 -10.91 10.80
CA ILE C 262 -0.77 -10.91 10.76
C ILE C 262 -0.28 -11.18 9.34
N THR C 263 -0.88 -12.16 8.65
CA THR C 263 -0.44 -12.50 7.30
C THR C 263 -0.72 -11.34 6.34
N GLN C 264 -1.92 -10.79 6.37
CA GLN C 264 -2.29 -9.75 5.44
C GLN C 264 -1.68 -8.40 5.78
N GLY C 265 -1.26 -8.20 7.04
CA GLY C 265 -0.46 -7.04 7.36
C GLY C 265 0.92 -7.11 6.74
N MET C 266 1.56 -8.29 6.81
CA MET C 266 2.86 -8.45 6.18
C MET C 266 2.74 -8.37 4.66
N MET C 267 1.68 -8.96 4.09
CA MET C 267 1.39 -8.76 2.67
C MET C 267 1.30 -7.28 2.36
N ALA C 268 0.64 -6.50 3.23
CA ALA C 268 0.54 -5.06 3.02
C ALA C 268 1.91 -4.41 3.02
N PHE C 269 2.75 -4.74 4.01
CA PHE C 269 4.09 -4.18 4.06
C PHE C 269 4.88 -4.55 2.81
N ALA C 270 4.73 -5.79 2.33
CA ALA C 270 5.44 -6.20 1.12
C ALA C 270 4.99 -5.38 -0.08
N GLU C 271 3.69 -5.09 -0.17
CA GLU C 271 3.18 -4.28 -1.26
C GLU C 271 3.55 -2.81 -1.11
N HIS C 272 3.83 -2.35 0.10
CA HIS C 272 4.11 -0.94 0.39
C HIS C 272 5.41 -0.87 1.17
N PRO C 273 6.55 -1.02 0.51
CA PRO C 273 7.83 -1.01 1.23
C PRO C 273 8.10 0.29 1.97
N ASP C 274 7.55 1.40 1.48
CA ASP C 274 7.71 2.68 2.18
C ASP C 274 7.17 2.57 3.60
N GLN C 275 6.02 1.91 3.77
CA GLN C 275 5.45 1.74 5.11
C GLN C 275 6.28 0.77 5.95
N TRP C 276 6.87 -0.24 5.31
CA TRP C 276 7.69 -1.19 6.06
C TRP C 276 8.94 -0.52 6.60
N GLU C 277 9.61 0.30 5.78
CA GLU C 277 10.74 1.08 6.27
C GLU C 277 10.33 2.00 7.41
N LEU C 278 9.18 2.66 7.27
CA LEU C 278 8.69 3.53 8.33
C LEU C 278 8.41 2.73 9.59
N TYR C 279 7.75 1.57 9.46
CA TYR C 279 7.45 0.77 10.63
C TYR C 279 8.71 0.37 11.37
N LYS C 280 9.70 -0.17 10.66
CA LYS C 280 10.91 -0.66 11.31
C LYS C 280 11.60 0.46 12.08
N LYS C 281 11.61 1.67 11.53
CA LYS C 281 12.19 2.80 12.25
C LYS C 281 11.39 3.14 13.49
N VAL C 282 10.07 3.34 13.34
CA VAL C 282 9.28 4.06 14.33
C VAL C 282 8.45 3.13 15.19
N ARG C 283 8.07 1.97 14.66
CA ARG C 283 7.23 1.00 15.37
C ARG C 283 5.97 1.67 15.92
N PRO C 284 5.24 2.41 15.08
CA PRO C 284 4.09 3.17 15.60
C PRO C 284 3.02 2.24 16.13
N GLU C 285 2.45 2.61 17.28
CA GLU C 285 1.41 1.78 17.90
C GLU C 285 0.08 1.90 17.18
N THR C 286 -0.09 2.88 16.29
CA THR C 286 -1.25 2.91 15.41
C THR C 286 -1.20 1.83 14.34
N ALA C 287 -0.08 1.11 14.23
CA ALA C 287 0.08 0.12 13.17
C ALA C 287 -0.94 -1.00 13.29
N ALA C 288 -1.12 -1.54 14.49
CA ALA C 288 -2.04 -2.65 14.70
C ALA C 288 -3.40 -2.37 14.07
N ASP C 289 -3.92 -1.15 14.28
CA ASP C 289 -5.28 -0.86 13.84
C ASP C 289 -5.37 -0.67 12.34
N GLU C 290 -4.29 -0.19 11.70
CA GLU C 290 -4.30 -0.13 10.24
C GLU C 290 -4.16 -1.52 9.63
N ILE C 291 -3.37 -2.39 10.27
CA ILE C 291 -3.27 -3.76 9.80
C ILE C 291 -4.62 -4.46 9.90
N VAL C 292 -5.31 -4.27 11.02
CA VAL C 292 -6.63 -4.89 11.19
C VAL C 292 -7.62 -4.30 10.19
N ARG C 293 -7.54 -3.00 9.94
CA ARG C 293 -8.40 -2.40 8.92
C ARG C 293 -8.11 -3.01 7.55
N TRP C 294 -6.83 -3.11 7.20
CA TRP C 294 -6.44 -3.62 5.89
C TRP C 294 -6.77 -5.10 5.76
N ALA C 295 -6.63 -5.86 6.84
CA ALA C 295 -6.82 -7.30 6.77
C ALA C 295 -8.27 -7.71 6.92
N THR C 296 -9.09 -6.91 7.62
CA THR C 296 -10.48 -7.21 7.94
C THR C 296 -10.71 -8.72 7.98
N PRO C 297 -10.09 -9.42 8.93
CA PRO C 297 -10.16 -10.89 8.91
C PRO C 297 -11.58 -11.43 8.87
N VAL C 298 -12.54 -10.73 9.48
CA VAL C 298 -13.94 -11.09 9.37
C VAL C 298 -14.55 -10.20 8.29
N THR C 299 -14.81 -10.77 7.12
CA THR C 299 -15.41 -10.00 6.04
C THR C 299 -16.82 -9.56 6.38
N ALA C 300 -17.55 -10.33 7.18
CA ALA C 300 -18.95 -10.00 7.43
C ALA C 300 -19.53 -10.84 8.55
N PHE C 301 -20.40 -10.20 9.34
CA PHE C 301 -21.32 -10.87 10.26
C PHE C 301 -22.72 -10.37 9.95
N GLN C 302 -23.73 -11.10 10.43
CA GLN C 302 -25.11 -10.79 10.11
C GLN C 302 -25.94 -10.57 11.37
N ARG C 303 -27.01 -9.80 11.21
CA ARG C 303 -28.02 -9.60 12.24
C ARG C 303 -29.40 -9.80 11.62
N THR C 304 -30.39 -10.04 12.48
CA THR C 304 -31.77 -10.26 12.05
C THR C 304 -32.66 -9.19 12.66
N ALA C 305 -33.50 -8.57 11.84
CA ALA C 305 -34.35 -7.47 12.27
C ALA C 305 -35.56 -8.03 13.01
N LEU C 306 -35.61 -7.79 14.32
CA LEU C 306 -36.74 -8.19 15.14
C LEU C 306 -37.90 -7.20 15.04
N ARG C 307 -37.87 -6.29 14.08
CA ARG C 307 -38.96 -5.36 13.85
C ARG C 307 -38.72 -4.67 12.51
N ASP C 308 -39.81 -4.21 11.90
CA ASP C 308 -39.69 -3.39 10.70
C ASP C 308 -38.89 -2.13 11.02
N TYR C 309 -37.79 -1.94 10.30
CA TYR C 309 -36.83 -0.88 10.62
C TYR C 309 -36.39 -0.19 9.33
N GLU C 310 -36.47 1.13 9.32
CA GLU C 310 -35.99 1.92 8.19
C GLU C 310 -34.53 2.27 8.42
N LEU C 311 -33.69 1.99 7.43
CA LEU C 311 -32.24 2.18 7.54
C LEU C 311 -31.77 2.87 6.26
N SER C 312 -31.40 4.14 6.39
CA SER C 312 -30.99 4.96 5.25
C SER C 312 -32.00 4.86 4.11
N GLY C 313 -33.27 5.04 4.45
CA GLY C 313 -34.33 5.02 3.47
C GLY C 313 -34.57 3.67 2.84
N VAL C 314 -34.44 2.60 3.62
CA VAL C 314 -34.64 1.24 3.13
C VAL C 314 -35.37 0.47 4.23
N GLN C 315 -36.54 -0.05 3.91
CA GLN C 315 -37.36 -0.75 4.91
C GLN C 315 -36.84 -2.16 5.09
N ILE C 316 -36.27 -2.43 6.25
CA ILE C 316 -35.93 -3.79 6.66
C ILE C 316 -37.14 -4.36 7.39
N LYS C 317 -37.59 -5.54 6.95
CA LYS C 317 -38.79 -6.17 7.49
C LYS C 317 -38.45 -7.18 8.56
N LYS C 318 -39.39 -7.42 9.47
CA LYS C 318 -39.21 -8.40 10.53
C LYS C 318 -38.79 -9.74 9.94
N GLY C 319 -37.78 -10.36 10.56
CA GLY C 319 -37.27 -11.64 10.13
C GLY C 319 -36.17 -11.58 9.09
N GLN C 320 -36.08 -10.49 8.34
CA GLN C 320 -35.09 -10.39 7.28
C GLN C 320 -33.68 -10.33 7.88
N ARG C 321 -32.70 -10.71 7.06
CA ARG C 321 -31.31 -10.73 7.45
C ARG C 321 -30.59 -9.51 6.90
N VAL C 322 -29.73 -8.92 7.72
CA VAL C 322 -28.78 -7.91 7.29
C VAL C 322 -27.38 -8.47 7.52
N VAL C 323 -26.50 -8.29 6.54
CA VAL C 323 -25.12 -8.78 6.61
C VAL C 323 -24.20 -7.56 6.55
N MET C 324 -23.42 -7.38 7.61
CA MET C 324 -22.51 -6.25 7.74
C MET C 324 -21.20 -6.60 7.04
N PHE C 325 -20.93 -5.99 5.90
CA PHE C 325 -19.71 -6.27 5.13
C PHE C 325 -18.61 -5.33 5.63
N TYR C 326 -17.93 -5.76 6.69
CA TYR C 326 -16.84 -4.97 7.25
C TYR C 326 -15.78 -4.67 6.19
N ARG C 327 -15.51 -5.62 5.31
CA ARG C 327 -14.50 -5.41 4.27
C ARG C 327 -14.84 -4.20 3.40
N SER C 328 -16.14 -3.90 3.25
CA SER C 328 -16.55 -2.70 2.53
C SER C 328 -16.57 -1.47 3.43
N ALA C 329 -16.95 -1.65 4.70
CA ALA C 329 -17.06 -0.50 5.60
C ALA C 329 -15.69 0.09 5.92
N ASN C 330 -14.65 -0.74 5.98
CA ASN C 330 -13.32 -0.27 6.35
C ASN C 330 -12.58 0.40 5.20
N PHE C 331 -13.20 0.47 4.02
CA PHE C 331 -12.68 1.28 2.91
C PHE C 331 -13.74 2.27 2.44
N ASP C 332 -14.73 2.56 3.29
CA ASP C 332 -15.72 3.59 3.04
C ASP C 332 -15.05 4.90 2.69
N GLU C 333 -15.23 5.36 1.45
CA GLU C 333 -14.52 6.56 0.99
C GLU C 333 -14.96 7.81 1.74
N GLU C 334 -16.11 7.77 2.43
CA GLU C 334 -16.58 8.92 3.16
C GLU C 334 -16.07 8.97 4.59
N VAL C 335 -15.69 7.82 5.17
CA VAL C 335 -15.16 7.80 6.52
C VAL C 335 -13.65 7.95 6.55
N PHE C 336 -12.95 7.49 5.50
CA PHE C 336 -11.52 7.32 5.53
C PHE C 336 -10.84 8.19 4.48
N GLN C 337 -9.75 8.83 4.90
CA GLN C 337 -8.91 9.60 3.99
C GLN C 337 -7.95 8.65 3.28
N ASP C 338 -8.05 8.59 1.96
CA ASP C 338 -7.27 7.63 1.18
C ASP C 338 -7.54 6.23 1.71
N PRO C 339 -8.77 5.73 1.58
CA PRO C 339 -9.07 4.38 2.11
C PRO C 339 -8.17 3.31 1.53
N PHE C 340 -7.74 3.47 0.28
CA PHE C 340 -6.91 2.49 -0.41
C PHE C 340 -5.42 2.83 -0.30
N THR C 341 -5.05 3.65 0.68
CA THR C 341 -3.67 3.84 1.07
C THR C 341 -3.42 3.07 2.37
N PHE C 342 -2.41 2.21 2.36
CA PHE C 342 -1.97 1.55 3.59
C PHE C 342 -1.06 2.52 4.34
N ASN C 343 -1.55 3.02 5.48
CA ASN C 343 -0.86 4.07 6.24
C ASN C 343 -0.85 3.66 7.70
N ILE C 344 0.29 3.21 8.19
CA ILE C 344 0.39 2.71 9.56
C ILE C 344 0.35 3.83 10.59
N LEU C 345 0.34 5.09 10.13
CA LEU C 345 0.19 6.24 11.02
C LEU C 345 -1.26 6.70 11.13
N ARG C 346 -2.17 6.12 10.35
CA ARG C 346 -3.57 6.51 10.37
C ARG C 346 -4.07 6.70 11.80
N ASN C 347 -4.61 7.89 12.07
CA ASN C 347 -5.07 8.22 13.41
C ASN C 347 -5.96 9.45 13.38
N PRO C 348 -7.20 9.37 13.91
CA PRO C 348 -7.84 8.15 14.41
C PRO C 348 -8.13 7.15 13.28
N ASN C 349 -8.49 5.92 13.67
CA ASN C 349 -8.74 4.84 12.71
C ASN C 349 -10.06 4.20 13.11
N PRO C 350 -11.20 4.77 12.67
CA PRO C 350 -12.50 4.32 13.18
C PRO C 350 -13.01 3.08 12.47
N HIS C 351 -12.12 2.11 12.25
CA HIS C 351 -12.48 0.92 11.48
C HIS C 351 -13.39 0.00 12.29
N VAL C 352 -14.12 -0.85 11.57
CA VAL C 352 -15.03 -1.81 12.17
C VAL C 352 -14.52 -3.24 12.03
N GLY C 353 -13.20 -3.40 11.82
CA GLY C 353 -12.64 -4.74 11.78
C GLY C 353 -12.93 -5.53 13.03
N PHE C 354 -13.12 -4.85 14.16
CA PHE C 354 -13.60 -5.45 15.38
C PHE C 354 -15.11 -5.31 15.53
N GLY C 355 -15.81 -4.90 14.48
CA GLY C 355 -17.22 -4.66 14.51
C GLY C 355 -17.56 -3.23 14.89
N GLY C 356 -18.77 -2.82 14.53
CA GLY C 356 -19.28 -1.55 15.01
C GLY C 356 -19.31 -1.50 16.53
N THR C 357 -19.33 -0.28 17.06
CA THR C 357 -19.42 -0.11 18.50
C THR C 357 -20.82 -0.46 18.96
N GLY C 358 -20.92 -1.37 19.93
CA GLY C 358 -22.21 -1.81 20.40
C GLY C 358 -22.10 -2.89 21.47
N ALA C 359 -23.14 -3.73 21.56
CA ALA C 359 -23.20 -4.71 22.65
C ALA C 359 -22.22 -5.85 22.46
N HIS C 360 -21.83 -6.15 21.22
CA HIS C 360 -20.99 -7.30 20.94
C HIS C 360 -19.57 -6.94 20.51
N TYR C 361 -19.23 -5.66 20.43
CA TYR C 361 -17.90 -5.24 19.99
C TYR C 361 -16.83 -6.16 20.55
N CYS C 362 -15.84 -6.46 19.71
CA CYS C 362 -14.86 -7.50 20.04
C CYS C 362 -14.23 -7.25 21.40
N ILE C 363 -14.35 -8.24 22.27
CA ILE C 363 -13.81 -8.16 23.62
C ILE C 363 -12.37 -8.64 23.69
N GLY C 364 -11.84 -9.21 22.62
CA GLY C 364 -10.44 -9.53 22.50
C GLY C 364 -9.66 -8.58 21.62
N ALA C 365 -10.25 -7.44 21.24
CA ALA C 365 -9.57 -6.49 20.37
C ALA C 365 -8.21 -6.08 20.93
N ASN C 366 -8.10 -5.99 22.26
CA ASN C 366 -6.83 -5.60 22.87
C ASN C 366 -5.84 -6.76 22.87
N LEU C 367 -6.31 -7.97 23.22
CA LEU C 367 -5.46 -9.14 23.12
C LEU C 367 -4.96 -9.32 21.69
N ALA C 368 -5.84 -9.07 20.70
CA ALA C 368 -5.43 -9.12 19.31
C ALA C 368 -4.38 -8.04 19.01
N ARG C 369 -4.71 -6.80 19.31
CA ARG C 369 -3.79 -5.69 19.06
C ARG C 369 -2.42 -5.97 19.64
N MET C 370 -2.37 -6.46 20.89
CA MET C 370 -1.09 -6.76 21.51
C MET C 370 -0.37 -7.86 20.75
N THR C 371 -1.09 -8.93 20.39
CA THR C 371 -0.50 -9.99 19.58
C THR C 371 0.08 -9.44 18.29
N ILE C 372 -0.66 -8.55 17.62
CA ILE C 372 -0.24 -8.01 16.34
C ILE C 372 1.03 -7.19 16.51
N ASN C 373 1.04 -6.28 17.49
CA ASN C 373 2.20 -5.41 17.68
C ASN C 373 3.44 -6.22 18.04
N LEU C 374 3.29 -7.26 18.86
CA LEU C 374 4.45 -8.00 19.32
C LEU C 374 5.10 -8.78 18.19
N ILE C 375 4.31 -9.37 17.30
CA ILE C 375 4.87 -10.23 16.26
C ILE C 375 5.53 -9.40 15.17
N PHE C 376 4.96 -8.24 14.84
CA PHE C 376 5.57 -7.41 13.81
C PHE C 376 6.82 -6.71 14.34
N ASN C 377 6.85 -6.39 15.64
CA ASN C 377 8.10 -5.96 16.26
C ASN C 377 9.14 -7.07 16.19
N ALA C 378 8.71 -8.31 16.44
CA ALA C 378 9.62 -9.45 16.31
C ALA C 378 10.09 -9.61 14.87
N VAL C 379 9.16 -9.56 13.92
CA VAL C 379 9.53 -9.64 12.51
C VAL C 379 10.54 -8.56 12.16
N ALA C 380 10.28 -7.33 12.59
CA ALA C 380 11.18 -6.23 12.28
C ALA C 380 12.56 -6.45 12.87
N ASP C 381 12.63 -7.04 14.07
CA ASP C 381 13.93 -7.22 14.71
C ASP C 381 14.74 -8.31 14.03
N HIS C 382 14.09 -9.40 13.61
CA HIS C 382 14.80 -10.60 13.19
C HIS C 382 14.83 -10.82 11.68
N MET C 383 13.93 -10.21 10.94
CA MET C 383 13.86 -10.45 9.50
C MET C 383 13.45 -9.17 8.79
N PRO C 384 14.25 -8.11 8.89
CA PRO C 384 13.85 -6.82 8.31
C PRO C 384 13.79 -6.82 6.79
N ASP C 385 14.50 -7.71 6.11
CA ASP C 385 14.55 -7.73 4.65
C ASP C 385 13.64 -8.80 4.06
N LEU C 386 12.69 -9.29 4.84
CA LEU C 386 11.65 -10.22 4.40
C LEU C 386 11.06 -9.84 3.05
N LYS C 387 11.03 -10.80 2.12
CA LYS C 387 10.38 -10.66 0.83
C LYS C 387 9.53 -11.88 0.53
N PRO C 388 8.46 -11.72 -0.25
CA PRO C 388 7.65 -12.87 -0.64
C PRO C 388 8.26 -13.66 -1.78
N ILE C 389 7.94 -14.95 -1.83
CA ILE C 389 8.41 -15.84 -2.88
C ILE C 389 7.31 -16.11 -3.91
N SER C 390 6.08 -16.31 -3.46
CA SER C 390 4.99 -16.65 -4.37
C SER C 390 3.68 -16.10 -3.80
N ALA C 391 2.65 -16.10 -4.65
CA ALA C 391 1.38 -15.52 -4.28
C ALA C 391 0.78 -16.23 -3.07
N PRO C 392 0.03 -15.52 -2.24
CA PRO C 392 -0.66 -16.18 -1.12
C PRO C 392 -1.82 -17.01 -1.64
N GLU C 393 -2.11 -18.09 -0.91
CA GLU C 393 -3.24 -18.96 -1.23
C GLU C 393 -4.39 -18.61 -0.30
N ARG C 394 -5.50 -18.15 -0.87
CA ARG C 394 -6.62 -17.67 -0.09
C ARG C 394 -7.47 -18.82 0.42
N LEU C 395 -8.21 -18.54 1.49
CA LEU C 395 -9.11 -19.52 2.09
C LEU C 395 -10.48 -19.43 1.45
N ARG C 396 -11.08 -20.59 1.17
CA ARG C 396 -12.45 -20.64 0.69
C ARG C 396 -13.39 -20.46 1.88
N SER C 397 -14.06 -19.31 1.93
CA SER C 397 -14.99 -19.01 3.01
C SER C 397 -15.92 -17.91 2.54
N GLY C 398 -17.14 -17.90 3.09
CA GLY C 398 -18.11 -16.90 2.73
C GLY C 398 -18.06 -15.68 3.62
N TRP C 399 -17.45 -15.82 4.80
CA TRP C 399 -17.38 -14.75 5.78
C TRP C 399 -15.99 -14.52 6.36
N LEU C 400 -15.11 -15.52 6.35
CA LEU C 400 -13.74 -15.33 6.82
C LEU C 400 -12.82 -14.99 5.66
N ASN C 401 -11.97 -14.01 5.88
CA ASN C 401 -10.96 -13.60 4.90
C ASN C 401 -9.63 -14.21 5.35
N GLY C 402 -9.29 -15.36 4.76
CA GLY C 402 -8.17 -16.15 5.24
C GLY C 402 -7.09 -16.33 4.20
N ILE C 403 -5.86 -16.52 4.69
CA ILE C 403 -4.73 -16.90 3.86
C ILE C 403 -4.23 -18.23 4.40
N LYS C 404 -4.35 -19.29 3.59
CA LYS C 404 -3.93 -20.61 4.04
C LYS C 404 -2.41 -20.73 4.07
N HIS C 405 -1.73 -20.22 3.03
CA HIS C 405 -0.29 -20.36 2.91
C HIS C 405 0.28 -19.16 2.16
N TRP C 406 1.51 -18.80 2.50
CA TRP C 406 2.20 -17.70 1.82
C TRP C 406 3.70 -17.92 1.99
N GLN C 407 4.38 -18.27 0.90
CA GLN C 407 5.80 -18.55 0.93
C GLN C 407 6.60 -17.25 0.88
N VAL C 408 7.51 -17.07 1.84
CA VAL C 408 8.33 -15.87 1.90
C VAL C 408 9.77 -16.23 2.25
N ASP C 409 10.69 -15.47 1.67
CA ASP C 409 12.11 -15.58 1.98
C ASP C 409 12.43 -14.61 3.12
N TYR C 410 12.83 -15.14 4.27
CA TYR C 410 12.99 -14.32 5.46
C TYR C 410 14.26 -13.48 5.44
N THR C 411 15.27 -13.86 4.65
CA THR C 411 16.55 -13.18 4.68
C THR C 411 16.79 -12.28 3.47
N GLY C 412 15.92 -12.33 2.46
CA GLY C 412 16.06 -11.47 1.30
C GLY C 412 17.37 -11.67 0.55
#